data_2IGY
#
_entry.id   2IGY
#
_cell.length_a   161.099
_cell.length_b   161.099
_cell.length_c   73.932
_cell.angle_alpha   90.00
_cell.angle_beta   90.00
_cell.angle_gamma   120.00
#
_symmetry.space_group_name_H-M   'P 32 1 2'
#
loop_
_entity.id
_entity.type
_entity.pdbx_description
1 polymer Plasmepsin-2
2 non-polymer N-[1-(3-METHYLBUTYL)PIPERIDIN-4-YL]-N-{4-[METHYL(PYRIDIN-4-YL)AMINO]BENZYL}-4-PENTYLBENZAMIDE
3 water water
#
_entity_poly.entity_id   1
_entity_poly.type   'polypeptide(L)'
_entity_poly.pdbx_seq_one_letter_code
;SSNDNIELVDFQNIMFYGDAEVGDNQQPFTFILDTGSANLWVPSVKCTTAGCLTKHLYDSSKSRTYEKDGTKVEMNYVSG
TVSGFFSKDLVTVGNLSLPYKFIEVIDTNGFEPTYTASTFDGILGLGWKDLSIGSVDPIVVELKNQNKIENALFTFYLPV
HDKHTGFLTIGGIEERFYEGPLTYEKLNHDLYWQITLDAHVGNIMLEKANCIVDSGTSAITVPTDFLNKMLQNLDVIKVP
FLPFYVTLCNNSKLPTFEFTSENGKYTLEPEYYLQHIEDVGPGLCMLNIIGLDFPVPTFILGDPFMRKYFTVFDYDNHSV
GIALAKKNL
;
_entity_poly.pdbx_strand_id   A,B
#
loop_
_chem_comp.id
_chem_comp.type
_chem_comp.name
_chem_comp.formula
A2T non-polymer N-[1-(3-METHYLBUTYL)PIPERIDIN-4-YL]-N-{4-[METHYL(PYRIDIN-4-YL)AMINO]BENZYL}-4-PENTYLBENZAMIDE 'C35 H48 N4 O'
#
# COMPACT_ATOMS: atom_id res chain seq x y z
N SER A 1 39.94 -18.92 8.74
CA SER A 1 38.93 -18.06 9.42
C SER A 1 37.54 -18.70 9.48
N SER A 2 37.14 -19.40 8.41
CA SER A 2 35.76 -19.89 8.16
C SER A 2 34.96 -18.80 7.43
N ASN A 3 33.62 -18.83 7.53
CA ASN A 3 32.73 -17.75 6.99
C ASN A 3 32.42 -17.88 5.51
N ASP A 4 31.16 -17.66 5.15
CA ASP A 4 30.69 -17.84 3.78
C ASP A 4 30.53 -16.49 3.05
N ASN A 5 31.37 -16.27 2.05
CA ASN A 5 31.39 -14.98 1.36
C ASN A 5 30.72 -15.02 -0.02
N ILE A 6 29.78 -14.12 -0.23
CA ILE A 6 28.98 -14.09 -1.44
C ILE A 6 29.16 -12.74 -2.12
N GLU A 7 29.87 -12.73 -3.25
CA GLU A 7 30.19 -11.51 -3.98
C GLU A 7 28.93 -10.72 -4.42
N LEU A 8 28.91 -9.43 -4.09
CA LEU A 8 27.85 -8.55 -4.55
C LEU A 8 28.33 -7.73 -5.74
N VAL A 9 27.57 -7.81 -6.82
CA VAL A 9 27.92 -7.08 -8.02
C VAL A 9 26.94 -5.92 -8.13
N ASP A 10 27.44 -4.73 -8.49
CA ASP A 10 26.58 -3.57 -8.66
C ASP A 10 25.97 -3.48 -10.07
N PHE A 11 24.75 -2.94 -10.14
CA PHE A 11 24.09 -2.63 -11.39
C PHE A 11 23.64 -1.16 -11.39
N GLN A 12 24.33 -0.35 -12.20
CA GLN A 12 24.10 1.10 -12.35
C GLN A 12 23.38 1.73 -11.15
N ASN A 13 24.13 1.86 -10.06
CA ASN A 13 23.68 2.46 -8.79
C ASN A 13 22.26 2.19 -8.25
N ILE A 14 21.39 1.63 -9.07
CA ILE A 14 19.99 1.36 -8.67
C ILE A 14 19.94 0.17 -7.70
N MET A 15 20.59 -0.93 -8.07
CA MET A 15 20.65 -2.11 -7.21
C MET A 15 21.95 -2.91 -7.30
N PHE A 16 22.04 -3.93 -6.44
CA PHE A 16 23.14 -4.90 -6.46
C PHE A 16 22.55 -6.30 -6.31
N TYR A 17 23.33 -7.28 -6.76
CA TYR A 17 22.89 -8.65 -6.93
C TYR A 17 23.95 -9.62 -6.43
N GLY A 18 23.48 -10.79 -5.98
CA GLY A 18 24.36 -11.90 -5.64
C GLY A 18 23.90 -13.20 -6.29
N ASP A 19 24.84 -14.12 -6.45
CA ASP A 19 24.57 -15.43 -7.06
C ASP A 19 24.20 -16.46 -6.03
N ALA A 20 23.16 -17.23 -6.34
CA ALA A 20 22.85 -18.43 -5.57
C ALA A 20 22.42 -19.55 -6.53
N GLU A 21 22.40 -20.79 -6.05
CA GLU A 21 22.01 -21.92 -6.90
C GLU A 21 20.95 -22.78 -6.26
N VAL A 22 20.15 -23.41 -7.11
CA VAL A 22 19.04 -24.25 -6.66
C VAL A 22 19.14 -25.66 -7.29
N GLY A 23 18.80 -26.68 -6.50
CA GLY A 23 18.88 -28.09 -6.91
C GLY A 23 20.31 -28.61 -6.94
N ASP A 24 20.49 -29.93 -6.96
CA ASP A 24 21.86 -30.48 -6.90
C ASP A 24 22.53 -30.59 -8.24
N ASN A 25 21.82 -30.15 -9.28
CA ASN A 25 22.44 -29.91 -10.57
C ASN A 25 22.99 -28.47 -10.68
N GLN A 26 22.75 -27.67 -9.63
CA GLN A 26 23.35 -26.34 -9.45
C GLN A 26 22.80 -25.34 -10.47
N GLN A 27 21.49 -25.18 -10.47
CA GLN A 27 20.86 -24.23 -11.37
C GLN A 27 21.13 -22.79 -10.90
N PRO A 28 21.79 -22.01 -11.76
CA PRO A 28 22.27 -20.68 -11.40
C PRO A 28 21.20 -19.60 -11.52
N PHE A 29 21.07 -18.77 -10.48
CA PHE A 29 20.18 -17.61 -10.51
C PHE A 29 20.85 -16.33 -10.02
N THR A 30 20.30 -15.20 -10.43
CA THR A 30 20.73 -13.90 -9.92
C THR A 30 19.67 -13.41 -8.95
N PHE A 31 20.07 -13.09 -7.72
CA PHE A 31 19.13 -12.69 -6.66
C PHE A 31 19.31 -11.31 -6.10
N ILE A 32 18.17 -10.68 -5.82
CA ILE A 32 18.10 -9.52 -4.94
C ILE A 32 18.18 -10.01 -3.49
N LEU A 33 19.15 -9.49 -2.75
CA LEU A 33 19.38 -9.89 -1.36
C LEU A 33 18.71 -8.86 -0.47
N ASP A 34 17.54 -9.22 0.03
CA ASP A 34 16.58 -8.26 0.56
C ASP A 34 16.30 -8.43 2.05
N THR A 35 16.79 -7.50 2.87
CA THR A 35 16.62 -7.64 4.33
C THR A 35 15.22 -7.23 4.78
N GLY A 36 14.42 -6.74 3.83
CA GLY A 36 13.05 -6.31 4.10
C GLY A 36 11.99 -7.32 3.68
N SER A 37 12.40 -8.55 3.36
CA SER A 37 11.46 -9.64 3.10
C SER A 37 12.00 -11.01 3.56
N ALA A 38 11.12 -12.00 3.70
CA ALA A 38 11.50 -13.26 4.34
C ALA A 38 11.20 -14.55 3.54
N ASN A 39 11.35 -14.52 2.22
CA ASN A 39 11.16 -15.70 1.40
C ASN A 39 12.12 -15.78 0.23
N LEU A 40 12.36 -16.99 -0.25
CA LEU A 40 13.13 -17.19 -1.44
C LEU A 40 12.16 -17.42 -2.59
N TRP A 41 12.18 -16.48 -3.54
CA TRP A 41 11.31 -16.52 -4.70
C TRP A 41 12.17 -16.90 -5.90
N VAL A 42 11.78 -17.97 -6.60
CA VAL A 42 12.48 -18.45 -7.83
C VAL A 42 11.53 -18.62 -9.02
N PRO A 43 11.87 -18.11 -10.21
CA PRO A 43 11.04 -18.30 -11.43
C PRO A 43 11.08 -19.73 -12.04
N SER A 44 9.90 -20.33 -12.24
CA SER A 44 9.79 -21.73 -12.73
C SER A 44 9.93 -21.87 -14.25
N VAL A 45 10.30 -23.07 -14.72
CA VAL A 45 10.26 -23.35 -16.17
C VAL A 45 8.81 -23.32 -16.67
N LYS A 46 7.88 -23.70 -15.78
CA LYS A 46 6.44 -23.62 -16.02
C LYS A 46 5.88 -22.18 -16.08
N CYS A 47 6.76 -21.19 -15.96
CA CYS A 47 6.38 -19.80 -16.12
C CYS A 47 6.60 -19.40 -17.57
N THR A 48 5.53 -19.04 -18.26
CA THR A 48 5.63 -18.65 -19.67
C THR A 48 4.99 -17.27 -19.87
N THR A 49 5.62 -16.25 -19.30
CA THR A 49 5.24 -14.88 -19.58
C THR A 49 6.48 -14.18 -20.12
N ALA A 50 6.25 -13.18 -20.96
CA ALA A 50 7.35 -12.35 -21.46
C ALA A 50 8.19 -11.90 -20.26
N GLY A 51 9.48 -12.19 -20.28
CA GLY A 51 10.31 -11.79 -19.14
C GLY A 51 10.87 -12.99 -18.41
N CYS A 52 9.97 -13.85 -17.91
CA CYS A 52 10.36 -15.19 -17.51
C CYS A 52 11.18 -15.82 -18.62
N LEU A 53 10.75 -15.57 -19.86
CA LEU A 53 11.46 -16.03 -21.05
C LEU A 53 12.81 -15.35 -21.31
N THR A 54 13.10 -14.27 -20.58
CA THR A 54 14.44 -13.62 -20.57
C THR A 54 15.30 -14.08 -19.37
N LYS A 55 14.64 -14.61 -18.34
CA LYS A 55 15.29 -15.00 -17.08
C LYS A 55 15.87 -16.43 -17.07
N HIS A 56 16.82 -16.68 -16.19
CA HIS A 56 17.23 -18.03 -15.83
C HIS A 56 16.06 -18.68 -15.11
N LEU A 57 15.79 -19.93 -15.43
CA LEU A 57 14.58 -20.58 -14.96
C LEU A 57 14.87 -21.86 -14.20
N TYR A 58 14.02 -22.16 -13.24
CA TYR A 58 14.14 -23.36 -12.44
C TYR A 58 13.42 -24.56 -13.05
N ASP A 59 14.12 -25.70 -13.09
CA ASP A 59 13.53 -26.94 -13.56
C ASP A 59 13.67 -28.04 -12.52
N SER A 60 12.60 -28.27 -11.75
CA SER A 60 12.58 -29.34 -10.73
C SER A 60 12.98 -30.72 -11.26
N SER A 61 12.53 -31.05 -12.46
CA SER A 61 12.76 -32.37 -13.05
C SER A 61 14.24 -32.70 -13.31
N LYS A 62 15.09 -31.70 -13.34
CA LYS A 62 16.54 -31.93 -13.55
C LYS A 62 17.26 -32.15 -12.23
N SER A 63 16.52 -32.08 -11.11
CA SER A 63 17.12 -32.04 -9.77
C SER A 63 16.73 -33.25 -8.89
N ARG A 64 17.71 -34.13 -8.65
CA ARG A 64 17.50 -35.34 -7.82
C ARG A 64 16.90 -35.05 -6.44
N THR A 65 17.12 -33.84 -5.93
CA THR A 65 16.74 -33.51 -4.56
C THR A 65 15.45 -32.74 -4.44
N TYR A 66 14.83 -32.41 -5.58
CA TYR A 66 13.50 -31.78 -5.58
C TYR A 66 12.54 -32.56 -4.70
N GLU A 67 11.76 -31.84 -3.91
CA GLU A 67 10.83 -32.46 -2.97
C GLU A 67 9.50 -31.73 -3.02
N LYS A 68 8.56 -32.30 -3.77
CA LYS A 68 7.25 -31.70 -3.99
C LYS A 68 6.63 -31.22 -2.68
N ASP A 69 5.89 -30.11 -2.76
CA ASP A 69 5.20 -29.50 -1.61
C ASP A 69 3.94 -28.80 -2.11
N GLY A 70 3.98 -28.34 -3.37
CA GLY A 70 2.80 -27.87 -4.09
C GLY A 70 1.89 -26.83 -3.47
N THR A 71 2.08 -26.53 -2.19
CA THR A 71 1.22 -25.60 -1.45
C THR A 71 1.05 -24.25 -2.16
N LYS A 72 -0.19 -23.95 -2.54
CA LYS A 72 -0.52 -22.78 -3.36
C LYS A 72 -0.08 -21.46 -2.72
N VAL A 73 0.56 -20.60 -3.50
CA VAL A 73 0.93 -19.24 -3.02
C VAL A 73 0.41 -18.17 -3.99
N GLU A 74 -0.49 -17.35 -3.47
CA GLU A 74 -1.16 -16.27 -4.22
C GLU A 74 -0.82 -14.93 -3.54
N MET A 75 -0.39 -13.96 -4.34
CA MET A 75 0.01 -12.63 -3.84
C MET A 75 -0.48 -11.51 -4.77
N ASN A 76 -1.66 -10.97 -4.49
CA ASN A 76 -2.22 -9.87 -5.30
C ASN A 76 -1.47 -8.55 -5.09
N TYR A 77 -0.43 -8.37 -5.92
CA TYR A 77 0.41 -7.18 -5.90
C TYR A 77 -0.35 -6.01 -6.53
N VAL A 78 0.20 -4.80 -6.42
CA VAL A 78 -0.50 -3.57 -6.86
C VAL A 78 -0.98 -3.66 -8.33
N SER A 79 -2.28 -3.94 -8.49
CA SER A 79 -2.94 -4.19 -9.79
C SER A 79 -2.23 -5.19 -10.72
N GLY A 80 -2.39 -6.48 -10.42
CA GLY A 80 -1.70 -7.56 -11.09
C GLY A 80 -1.19 -8.56 -10.04
N THR A 81 -1.40 -9.84 -10.28
CA THR A 81 -1.06 -10.86 -9.28
C THR A 81 0.31 -11.51 -9.53
N VAL A 82 1.02 -11.82 -8.44
CA VAL A 82 2.19 -12.70 -8.49
C VAL A 82 1.80 -14.01 -7.80
N SER A 83 1.94 -15.14 -8.50
CA SER A 83 1.50 -16.41 -7.93
C SER A 83 2.47 -17.56 -8.21
N GLY A 84 2.47 -18.52 -7.30
CA GLY A 84 3.30 -19.71 -7.41
C GLY A 84 2.94 -20.68 -6.31
N PHE A 85 3.81 -21.65 -6.07
CA PHE A 85 3.55 -22.67 -5.05
C PHE A 85 4.86 -23.02 -4.36
N PHE A 86 4.77 -23.55 -3.13
CA PHE A 86 5.97 -23.96 -2.39
C PHE A 86 6.67 -25.18 -2.98
N SER A 87 8.00 -25.16 -2.93
CA SER A 87 8.82 -26.32 -3.26
C SER A 87 9.98 -26.41 -2.26
N LYS A 88 10.55 -27.60 -2.08
CA LYS A 88 11.74 -27.73 -1.28
C LYS A 88 12.80 -28.29 -2.18
N ASP A 89 14.00 -27.75 -2.07
CA ASP A 89 15.15 -28.26 -2.79
C ASP A 89 16.42 -27.72 -2.13
N LEU A 90 17.57 -28.15 -2.65
CA LEU A 90 18.86 -27.79 -2.07
C LEU A 90 19.31 -26.42 -2.59
N VAL A 91 19.30 -25.43 -1.71
CA VAL A 91 19.79 -24.07 -2.04
C VAL A 91 21.27 -23.92 -1.69
N THR A 92 22.03 -23.37 -2.63
CA THR A 92 23.44 -23.13 -2.39
C THR A 92 23.74 -21.64 -2.39
N VAL A 93 24.20 -21.11 -1.26
CA VAL A 93 24.69 -19.75 -1.24
C VAL A 93 26.14 -19.76 -0.88
N GLY A 94 26.97 -19.24 -1.78
CA GLY A 94 28.42 -19.24 -1.59
C GLY A 94 28.87 -20.69 -1.54
N ASN A 95 29.55 -21.06 -0.46
CA ASN A 95 30.09 -22.41 -0.31
C ASN A 95 29.34 -23.24 0.73
N LEU A 96 28.07 -22.91 0.94
CA LEU A 96 27.22 -23.68 1.83
C LEU A 96 25.95 -24.10 1.13
N SER A 97 25.37 -25.23 1.56
CA SER A 97 24.15 -25.76 0.98
C SER A 97 23.21 -26.20 2.08
N LEU A 98 21.92 -26.16 1.82
CA LEU A 98 20.93 -26.64 2.78
C LEU A 98 19.56 -26.81 2.10
N PRO A 99 18.73 -27.74 2.59
CA PRO A 99 17.37 -27.88 2.06
C PRO A 99 16.53 -26.74 2.58
N TYR A 100 15.66 -26.20 1.73
CA TYR A 100 14.93 -24.99 2.08
C TYR A 100 13.60 -24.89 1.34
N LYS A 101 12.55 -24.53 2.08
CA LYS A 101 11.24 -24.16 1.51
C LYS A 101 11.30 -22.80 0.78
N PHE A 102 11.30 -22.84 -0.55
CA PHE A 102 11.16 -21.63 -1.36
C PHE A 102 9.86 -21.61 -2.17
N ILE A 103 9.62 -20.49 -2.83
CA ILE A 103 8.42 -20.28 -3.65
C ILE A 103 8.80 -20.26 -5.12
N GLU A 104 8.38 -21.32 -5.80
CA GLU A 104 8.54 -21.49 -7.25
C GLU A 104 7.43 -20.69 -7.91
N VAL A 105 7.84 -19.64 -8.61
CA VAL A 105 6.92 -18.65 -9.17
C VAL A 105 6.43 -19.05 -10.57
N ILE A 106 5.10 -19.00 -10.71
CA ILE A 106 4.39 -19.45 -11.91
C ILE A 106 3.97 -18.27 -12.78
N ASP A 107 3.52 -17.19 -12.15
CA ASP A 107 3.06 -16.00 -12.85
C ASP A 107 3.61 -14.73 -12.23
N THR A 108 4.10 -13.82 -13.07
CA THR A 108 4.60 -12.51 -12.63
C THR A 108 3.79 -11.28 -13.12
N ASN A 109 2.50 -11.48 -13.42
CA ASN A 109 1.69 -10.45 -14.11
C ASN A 109 1.28 -9.22 -13.30
N GLY A 110 1.97 -9.00 -12.17
CA GLY A 110 1.81 -7.79 -11.37
C GLY A 110 3.12 -7.22 -10.87
N PHE A 111 4.22 -7.76 -11.39
CA PHE A 111 5.55 -7.34 -11.03
C PHE A 111 6.21 -6.84 -12.31
N GLU A 112 5.41 -6.14 -13.11
CA GLU A 112 5.86 -5.56 -14.38
C GLU A 112 5.54 -4.05 -14.43
N PRO A 113 6.40 -3.24 -15.07
CA PRO A 113 7.49 -3.73 -15.93
C PRO A 113 8.82 -3.96 -15.18
N THR A 114 8.78 -3.87 -13.85
CA THR A 114 9.94 -4.03 -12.97
C THR A 114 10.81 -5.24 -13.33
N TYR A 115 10.17 -6.40 -13.40
CA TYR A 115 10.85 -7.68 -13.62
C TYR A 115 11.66 -7.74 -14.90
N THR A 116 11.04 -7.37 -16.03
CA THR A 116 11.71 -7.37 -17.36
C THR A 116 12.80 -6.30 -17.44
N ALA A 117 12.51 -5.12 -16.88
CA ALA A 117 13.48 -4.03 -16.79
C ALA A 117 14.85 -4.46 -16.24
N SER A 118 14.84 -5.20 -15.12
CA SER A 118 16.04 -5.52 -14.34
C SER A 118 16.62 -6.85 -14.78
N THR A 119 17.83 -7.16 -14.32
CA THR A 119 18.50 -8.41 -14.71
C THR A 119 18.65 -9.42 -13.58
N PHE A 120 17.77 -9.37 -12.57
CA PHE A 120 17.76 -10.40 -11.54
C PHE A 120 16.71 -11.46 -11.86
N ASP A 121 16.97 -12.70 -11.46
CA ASP A 121 16.01 -13.77 -11.68
C ASP A 121 15.06 -13.85 -10.49
N GLY A 122 15.61 -13.75 -9.28
CA GLY A 122 14.77 -13.93 -8.10
C GLY A 122 15.04 -12.97 -6.94
N ILE A 123 14.28 -13.16 -5.88
CA ILE A 123 14.47 -12.44 -4.63
C ILE A 123 14.68 -13.43 -3.50
N LEU A 124 15.74 -13.20 -2.73
CA LEU A 124 16.08 -13.95 -1.54
C LEU A 124 15.91 -13.04 -0.32
N GLY A 125 14.88 -13.28 0.48
CA GLY A 125 14.69 -12.51 1.72
C GLY A 125 15.71 -12.85 2.80
N LEU A 126 15.92 -11.93 3.74
CA LEU A 126 16.83 -12.13 4.91
C LEU A 126 16.26 -11.48 6.16
N GLY A 127 14.93 -11.33 6.21
CA GLY A 127 14.27 -10.82 7.38
C GLY A 127 13.99 -11.92 8.40
N TRP A 128 13.01 -11.66 9.27
CA TRP A 128 12.66 -12.58 10.34
C TRP A 128 11.52 -13.51 9.96
N LYS A 129 11.46 -14.62 10.70
CA LYS A 129 10.43 -15.67 10.59
C LYS A 129 9.00 -15.13 10.49
N ASP A 130 8.62 -14.28 11.44
CA ASP A 130 7.26 -13.76 11.53
C ASP A 130 6.88 -12.89 10.34
N LEU A 131 7.82 -12.71 9.40
CA LEU A 131 7.56 -11.86 8.25
C LEU A 131 7.39 -12.69 6.98
N SER A 132 7.58 -14.01 7.10
CA SER A 132 7.52 -14.92 5.94
C SER A 132 6.12 -15.45 5.61
N ILE A 133 5.98 -15.95 4.39
CA ILE A 133 4.77 -16.63 3.96
C ILE A 133 5.03 -18.12 4.16
N GLY A 134 4.00 -18.84 4.59
CA GLY A 134 4.20 -20.14 5.23
C GLY A 134 4.90 -19.70 6.51
N SER A 135 5.56 -20.62 7.19
CA SER A 135 6.27 -20.15 8.40
C SER A 135 7.75 -20.46 8.31
N VAL A 136 8.36 -20.09 7.19
CA VAL A 136 9.70 -20.56 6.86
C VAL A 136 10.77 -19.96 7.78
N ASP A 137 11.72 -20.78 8.19
CA ASP A 137 12.85 -20.33 9.01
C ASP A 137 13.87 -19.64 8.13
N PRO A 138 14.37 -18.50 8.58
CA PRO A 138 15.39 -17.77 7.84
C PRO A 138 16.63 -18.64 7.52
N ILE A 139 17.12 -18.53 6.28
CA ILE A 139 18.24 -19.31 5.78
C ILE A 139 19.40 -19.37 6.76
N VAL A 140 19.69 -18.23 7.38
CA VAL A 140 20.84 -18.11 8.24
C VAL A 140 20.56 -18.79 9.58
N VAL A 141 19.34 -18.67 10.09
CA VAL A 141 18.94 -19.35 11.31
C VAL A 141 19.12 -20.88 11.14
N GLU A 142 18.56 -21.40 10.07
CA GLU A 142 18.72 -22.80 9.69
C GLU A 142 20.17 -23.27 9.62
N LEU A 143 21.01 -22.58 8.85
CA LEU A 143 22.43 -22.91 8.73
C LEU A 143 23.11 -23.01 10.09
N LYS A 144 22.69 -22.18 11.03
CA LYS A 144 23.20 -22.28 12.40
C LYS A 144 22.67 -23.53 13.12
N ASN A 145 21.37 -23.80 12.97
CA ASN A 145 20.76 -25.01 13.52
C ASN A 145 21.42 -26.29 12.98
N GLN A 146 21.75 -26.31 11.69
CA GLN A 146 22.46 -27.44 11.08
C GLN A 146 23.99 -27.39 11.25
N ASN A 147 24.48 -26.56 12.18
CA ASN A 147 25.92 -26.48 12.52
C ASN A 147 26.90 -26.15 11.37
N LYS A 148 26.43 -25.39 10.38
CA LYS A 148 27.26 -25.10 9.22
C LYS A 148 27.99 -23.74 9.29
N ILE A 149 27.51 -22.88 10.18
CA ILE A 149 28.12 -21.58 10.41
C ILE A 149 28.30 -21.40 11.92
N GLU A 150 29.30 -20.60 12.28
CA GLU A 150 29.67 -20.43 13.68
C GLU A 150 28.60 -19.67 14.47
N ASN A 151 28.13 -18.55 13.91
CA ASN A 151 27.11 -17.68 14.52
C ASN A 151 25.93 -17.47 13.56
N ALA A 152 24.74 -17.27 14.12
CA ALA A 152 23.56 -16.92 13.32
C ALA A 152 23.54 -15.43 12.95
N LEU A 153 24.43 -15.06 12.03
CA LEU A 153 24.53 -13.67 11.64
C LEU A 153 25.06 -13.52 10.22
N PHE A 154 24.59 -12.47 9.55
CA PHE A 154 25.17 -12.06 8.26
C PHE A 154 25.55 -10.58 8.26
N THR A 155 26.39 -10.21 7.30
CA THR A 155 26.81 -8.83 7.17
C THR A 155 26.73 -8.40 5.72
N PHE A 156 26.57 -7.09 5.53
CA PHE A 156 26.66 -6.49 4.21
C PHE A 156 27.76 -5.46 4.14
N TYR A 157 28.61 -5.62 3.15
CA TYR A 157 29.58 -4.61 2.77
C TYR A 157 29.25 -4.33 1.31
N LEU A 158 28.63 -3.17 1.03
CA LEU A 158 28.02 -2.96 -0.31
C LEU A 158 29.03 -2.54 -1.37
N PRO A 159 28.79 -2.89 -2.63
CA PRO A 159 29.63 -2.37 -3.72
C PRO A 159 29.58 -0.83 -3.79
N VAL A 160 30.63 -0.21 -4.32
CA VAL A 160 30.62 1.22 -4.62
C VAL A 160 31.10 1.31 -6.05
N HIS A 161 30.27 1.86 -6.94
CA HIS A 161 30.58 1.89 -8.38
C HIS A 161 31.99 2.41 -8.69
N ASP A 162 32.65 1.74 -9.63
CA ASP A 162 34.02 2.06 -10.07
C ASP A 162 35.04 2.17 -8.92
N LYS A 163 34.68 1.63 -7.77
CA LYS A 163 35.59 1.64 -6.62
C LYS A 163 35.94 0.24 -6.11
N HIS A 164 34.96 -0.50 -5.60
CA HIS A 164 35.19 -1.90 -5.19
C HIS A 164 33.95 -2.78 -5.33
N THR A 165 34.15 -4.08 -5.24
CA THR A 165 33.03 -5.02 -5.21
C THR A 165 32.52 -5.14 -3.77
N GLY A 166 31.46 -5.91 -3.56
CA GLY A 166 30.90 -6.05 -2.21
C GLY A 166 30.64 -7.48 -1.82
N PHE A 167 30.31 -7.69 -0.54
CA PHE A 167 30.01 -9.03 0.00
C PHE A 167 28.85 -9.10 1.00
N LEU A 168 28.01 -10.12 0.85
CA LEU A 168 27.21 -10.67 1.94
C LEU A 168 28.06 -11.75 2.60
N THR A 169 28.21 -11.71 3.91
CA THR A 169 29.02 -12.71 4.58
C THR A 169 28.14 -13.41 5.59
N ILE A 170 28.10 -14.75 5.50
CA ILE A 170 27.35 -15.52 6.48
C ILE A 170 28.24 -16.18 7.51
N GLY A 171 27.90 -15.95 8.78
CA GLY A 171 28.41 -16.79 9.85
C GLY A 171 29.30 -16.12 10.86
N GLY A 172 30.00 -15.07 10.46
CA GLY A 172 30.82 -14.30 11.43
C GLY A 172 31.26 -12.97 10.83
N ILE A 173 31.86 -12.12 11.67
CA ILE A 173 32.19 -10.74 11.29
C ILE A 173 33.64 -10.64 10.84
N GLU A 174 33.88 -10.08 9.68
CA GLU A 174 35.24 -9.94 9.16
C GLU A 174 35.77 -8.51 9.24
N GLU A 175 36.78 -8.38 10.07
CA GLU A 175 37.52 -7.17 10.34
C GLU A 175 37.88 -6.32 9.09
N ARG A 176 38.26 -6.94 7.97
CA ARG A 176 38.67 -6.17 6.76
C ARG A 176 37.57 -5.23 6.21
N PHE A 177 36.33 -5.50 6.57
CA PHE A 177 35.21 -4.76 6.03
C PHE A 177 35.01 -3.41 6.70
N TYR A 178 35.59 -3.16 7.88
CA TYR A 178 35.30 -1.89 8.58
C TYR A 178 36.43 -1.19 9.32
N GLU A 179 36.15 0.04 9.76
CA GLU A 179 37.06 0.93 10.52
C GLU A 179 36.26 1.53 11.66
N GLY A 180 36.95 1.89 12.75
CA GLY A 180 36.31 2.55 13.88
C GLY A 180 35.55 1.50 14.68
N PRO A 181 34.79 1.93 15.69
CA PRO A 181 34.10 1.00 16.56
C PRO A 181 32.93 0.34 15.81
N LEU A 182 32.48 -0.81 16.29
CA LEU A 182 31.29 -1.47 15.80
C LEU A 182 30.28 -1.40 16.94
N THR A 183 29.30 -0.51 16.86
CA THR A 183 28.32 -0.39 17.93
C THR A 183 27.08 -1.17 17.55
N TYR A 184 26.38 -1.68 18.56
CA TYR A 184 25.18 -2.50 18.37
C TYR A 184 23.95 -1.80 18.82
N GLU A 185 22.86 -2.01 18.10
CA GLU A 185 21.58 -1.39 18.39
C GLU A 185 20.56 -2.48 18.39
N LYS A 186 19.92 -2.67 19.55
CA LYS A 186 18.95 -3.73 19.79
C LYS A 186 17.67 -3.59 18.95
N LEU A 187 17.18 -4.71 18.42
CA LEU A 187 15.91 -4.67 17.72
C LEU A 187 14.78 -4.22 18.64
N ASN A 188 13.79 -3.49 18.10
CA ASN A 188 12.59 -3.20 18.88
C ASN A 188 11.37 -4.03 18.45
N HIS A 189 11.59 -4.94 17.49
CA HIS A 189 10.61 -5.92 17.02
C HIS A 189 11.36 -6.92 16.19
N ASP A 190 11.00 -8.20 16.33
CA ASP A 190 11.57 -9.25 15.50
C ASP A 190 10.73 -9.44 14.24
N LEU A 191 10.79 -8.47 13.33
CA LEU A 191 10.05 -8.56 12.09
C LEU A 191 10.94 -8.05 10.95
N TYR A 192 11.08 -6.74 10.85
CA TYR A 192 12.10 -6.16 9.99
C TYR A 192 13.35 -5.99 10.87
N TRP A 193 14.44 -5.55 10.30
CA TRP A 193 15.57 -5.23 11.13
C TRP A 193 15.44 -3.79 11.62
N GLN A 194 14.61 -3.60 12.66
CA GLN A 194 14.27 -2.27 13.16
C GLN A 194 14.72 -1.90 14.57
N ILE A 195 15.32 -0.71 14.64
CA ILE A 195 15.98 -0.21 15.82
C ILE A 195 15.47 1.18 16.11
N THR A 196 15.82 1.71 17.28
CA THR A 196 15.35 3.01 17.72
C THR A 196 16.54 3.95 17.74
N LEU A 197 16.46 5.03 16.96
CA LEU A 197 17.49 6.07 16.98
C LEU A 197 16.85 7.44 17.01
N ASP A 198 17.59 8.44 17.48
CA ASP A 198 17.15 9.81 17.42
C ASP A 198 17.64 10.39 16.12
N ALA A 199 16.73 11.00 15.38
CA ALA A 199 17.09 11.58 14.10
C ALA A 199 17.06 13.10 14.22
N HIS A 200 18.07 13.73 13.63
CA HIS A 200 18.40 15.10 13.87
C HIS A 200 19.02 15.57 12.55
N VAL A 201 18.43 16.58 11.93
CA VAL A 201 19.03 17.20 10.74
C VAL A 201 19.08 18.71 10.93
N GLY A 202 20.24 19.21 11.35
CA GLY A 202 20.35 20.60 11.80
C GLY A 202 19.36 20.88 12.91
N ASN A 203 18.54 21.93 12.74
CA ASN A 203 17.47 22.31 13.68
C ASN A 203 16.43 21.23 13.93
N ILE A 204 15.94 20.60 12.85
CA ILE A 204 14.90 19.57 12.95
C ILE A 204 15.39 18.34 13.74
N MET A 205 14.55 17.87 14.65
CA MET A 205 14.88 16.75 15.52
C MET A 205 13.63 15.91 15.72
N LEU A 206 13.82 14.60 15.74
CA LEU A 206 12.75 13.68 16.06
C LEU A 206 13.34 12.59 16.93
N GLU A 207 12.86 12.54 18.17
CA GLU A 207 13.41 11.63 19.16
C GLU A 207 12.87 10.22 18.96
N LYS A 208 13.76 9.25 19.09
CA LYS A 208 13.39 7.83 19.20
C LYS A 208 12.56 7.33 18.01
N ALA A 209 13.07 7.58 16.82
CA ALA A 209 12.41 7.17 15.58
C ALA A 209 12.67 5.70 15.31
N ASN A 210 11.73 5.05 14.64
CA ASN A 210 11.89 3.68 14.22
C ASN A 210 12.74 3.72 12.96
N CYS A 211 13.85 3.01 12.97
CA CYS A 211 14.68 2.95 11.78
C CYS A 211 14.82 1.52 11.29
N ILE A 212 14.43 1.32 10.05
CA ILE A 212 14.50 0.03 9.43
C ILE A 212 15.75 0.06 8.54
N VAL A 213 16.65 -0.89 8.77
CA VAL A 213 17.82 -1.07 7.92
C VAL A 213 17.44 -2.09 6.88
N ASP A 214 17.37 -1.68 5.62
CA ASP A 214 16.83 -2.52 4.54
C ASP A 214 17.60 -2.42 3.24
N SER A 215 18.26 -3.53 2.89
CA SER A 215 19.05 -3.61 1.68
C SER A 215 18.18 -3.56 0.43
N GLY A 216 16.90 -3.86 0.58
CA GLY A 216 16.01 -3.92 -0.56
C GLY A 216 15.46 -2.57 -0.99
N THR A 217 15.70 -1.53 -0.18
CA THR A 217 15.33 -0.15 -0.52
C THR A 217 16.53 0.64 -1.03
N SER A 218 16.37 1.32 -2.15
CA SER A 218 17.44 2.11 -2.73
C SER A 218 17.44 3.60 -2.37
N ALA A 219 16.51 4.05 -1.53
CA ALA A 219 16.51 5.43 -1.05
C ALA A 219 16.77 5.49 0.45
N ILE A 220 16.93 6.69 0.97
CA ILE A 220 16.62 6.96 2.35
C ILE A 220 15.18 7.45 2.34
N THR A 221 14.27 6.76 3.04
CA THR A 221 12.91 7.29 3.20
C THR A 221 12.77 7.98 4.54
N VAL A 222 11.92 9.00 4.57
CA VAL A 222 11.94 9.98 5.65
C VAL A 222 10.49 10.33 5.92
N PRO A 223 10.10 10.57 7.17
CA PRO A 223 8.71 10.97 7.47
C PRO A 223 8.47 12.31 6.78
N THR A 224 7.30 12.48 6.16
CA THR A 224 7.07 13.69 5.32
C THR A 224 7.17 15.03 6.03
N ASP A 225 6.82 15.11 7.30
CA ASP A 225 7.06 16.37 8.02
C ASP A 225 8.55 16.65 8.12
N PHE A 226 9.33 15.60 8.31
CA PHE A 226 10.76 15.75 8.37
C PHE A 226 11.28 16.30 7.02
N LEU A 227 10.93 15.63 5.94
CA LEU A 227 11.38 16.04 4.62
C LEU A 227 11.00 17.46 4.29
N ASN A 228 9.71 17.79 4.45
CA ASN A 228 9.21 19.13 4.17
C ASN A 228 10.03 20.14 4.93
N LYS A 229 10.17 19.94 6.23
CA LYS A 229 10.91 20.90 7.04
C LYS A 229 12.33 21.04 6.51
N MET A 230 12.98 19.94 6.20
CA MET A 230 14.41 19.96 5.90
C MET A 230 14.81 20.45 4.50
N LEU A 231 13.85 20.64 3.60
CA LEU A 231 14.16 21.07 2.24
C LEU A 231 13.96 22.56 1.97
N GLN A 232 13.39 23.28 2.95
CA GLN A 232 13.19 24.74 2.82
C GLN A 232 14.51 25.46 2.58
N ASN A 233 14.56 26.30 1.56
CA ASN A 233 15.72 27.16 1.32
C ASN A 233 17.00 26.44 0.91
N LEU A 234 16.89 25.26 0.30
CA LEU A 234 18.11 24.53 -0.07
C LEU A 234 18.51 24.63 -1.55
N ASP A 235 17.76 25.40 -2.34
CA ASP A 235 18.02 25.50 -3.77
C ASP A 235 17.89 24.13 -4.40
N VAL A 236 16.80 23.46 -4.08
CA VAL A 236 16.49 22.15 -4.62
C VAL A 236 15.23 22.36 -5.42
N ILE A 237 15.01 21.61 -6.48
CA ILE A 237 13.76 21.81 -7.24
C ILE A 237 12.97 20.50 -7.29
N LYS A 238 11.70 20.58 -6.98
CA LYS A 238 10.87 19.39 -6.93
C LYS A 238 10.23 19.23 -8.30
N VAL A 239 10.44 18.09 -8.96
CA VAL A 239 9.69 17.85 -10.18
C VAL A 239 8.22 17.59 -9.81
N PRO A 240 7.30 18.36 -10.40
CA PRO A 240 5.90 18.35 -10.00
C PRO A 240 5.26 16.97 -10.01
N PHE A 241 4.68 16.58 -8.86
CA PHE A 241 3.86 15.37 -8.71
C PHE A 241 4.63 14.08 -8.82
N LEU A 242 5.92 14.14 -8.58
CA LEU A 242 6.76 12.96 -8.59
C LEU A 242 7.77 13.12 -7.48
N PRO A 243 8.10 12.01 -6.84
CA PRO A 243 9.03 12.03 -5.70
C PRO A 243 10.46 12.33 -6.12
N PHE A 244 10.70 13.38 -6.91
CA PHE A 244 12.06 13.70 -7.33
C PHE A 244 12.49 15.14 -7.07
N TYR A 245 13.71 15.29 -6.57
CA TYR A 245 14.27 16.57 -6.24
C TYR A 245 15.64 16.71 -6.87
N VAL A 246 15.82 17.83 -7.57
CA VAL A 246 16.94 18.05 -8.47
C VAL A 246 17.73 19.17 -7.86
N THR A 247 19.05 19.04 -7.93
CA THR A 247 19.97 19.99 -7.32
C THR A 247 21.30 19.96 -8.09
N LEU A 248 22.07 21.05 -7.99
CA LEU A 248 23.43 21.04 -8.48
C LEU A 248 24.19 20.14 -7.51
N CYS A 249 25.11 19.32 -8.02
CA CYS A 249 25.85 18.38 -7.16
C CYS A 249 26.71 19.05 -6.07
N ASN A 250 27.13 20.29 -6.29
CA ASN A 250 27.94 21.04 -5.33
C ASN A 250 27.17 21.97 -4.38
N ASN A 251 25.84 21.86 -4.36
CA ASN A 251 25.01 22.63 -3.44
C ASN A 251 25.50 22.49 -2.01
N SER A 252 26.27 23.46 -1.55
CA SER A 252 26.86 23.42 -0.20
C SER A 252 25.86 23.64 0.96
N LYS A 253 24.58 23.82 0.63
CA LYS A 253 23.55 23.93 1.66
C LYS A 253 22.86 22.60 1.98
N LEU A 254 23.18 21.54 1.26
CA LEU A 254 22.60 20.23 1.54
C LEU A 254 22.98 19.75 2.95
N PRO A 255 22.02 19.26 3.73
CA PRO A 255 22.27 18.88 5.11
C PRO A 255 22.74 17.43 5.28
N THR A 256 23.31 17.18 6.46
CA THR A 256 23.81 15.89 6.85
C THR A 256 22.77 15.27 7.79
N PHE A 257 22.48 13.99 7.63
CA PHE A 257 21.56 13.31 8.54
C PHE A 257 22.32 12.91 9.77
N GLU A 258 21.65 12.95 10.93
CA GLU A 258 22.28 12.52 12.17
C GLU A 258 21.40 11.59 12.91
N PHE A 259 21.91 10.38 13.15
CA PHE A 259 21.22 9.37 13.95
C PHE A 259 22.05 9.05 15.19
N THR A 260 21.44 9.19 16.37
CA THR A 260 22.15 8.93 17.66
C THR A 260 21.38 8.00 18.55
N SER A 261 22.15 7.13 19.21
CA SER A 261 21.67 6.34 20.35
C SER A 261 22.64 6.58 21.48
N GLU A 262 22.36 6.00 22.65
CA GLU A 262 23.31 6.01 23.76
C GLU A 262 24.68 5.52 23.28
N ASN A 263 24.67 4.40 22.57
CA ASN A 263 25.88 3.68 22.13
C ASN A 263 26.65 4.32 20.98
N GLY A 264 25.94 4.97 20.06
CA GLY A 264 26.59 5.41 18.84
C GLY A 264 25.97 6.60 18.16
N LYS A 265 26.71 7.11 17.18
CA LYS A 265 26.28 8.26 16.37
C LYS A 265 26.60 7.98 14.90
N TYR A 266 25.58 8.07 14.05
CA TYR A 266 25.74 7.81 12.62
C TYR A 266 25.28 9.03 11.84
N THR A 267 26.09 9.40 10.86
CA THR A 267 25.80 10.54 10.01
C THR A 267 25.80 10.09 8.57
N LEU A 268 24.96 10.73 7.77
CA LEU A 268 24.96 10.49 6.34
C LEU A 268 25.00 11.81 5.60
N GLU A 269 26.17 12.08 5.01
CA GLU A 269 26.48 13.34 4.34
C GLU A 269 25.93 13.38 2.91
N PRO A 270 25.72 14.59 2.37
CA PRO A 270 25.26 14.73 0.98
C PRO A 270 25.87 13.79 -0.06
N GLU A 271 27.17 13.57 -0.02
CA GLU A 271 27.79 12.73 -1.05
C GLU A 271 27.28 11.27 -1.07
N TYR A 272 26.61 10.85 -0.01
CA TYR A 272 26.09 9.49 0.04
C TYR A 272 24.67 9.37 -0.51
N TYR A 273 23.91 10.44 -0.50
CA TYR A 273 22.54 10.36 -0.99
C TYR A 273 22.21 11.10 -2.29
N LEU A 274 23.24 11.49 -3.05
CA LEU A 274 23.02 12.17 -4.32
C LEU A 274 23.17 11.18 -5.45
N GLN A 275 22.27 11.23 -6.42
CA GLN A 275 22.45 10.50 -7.67
C GLN A 275 22.91 11.48 -8.76
N HIS A 276 24.03 11.16 -9.38
CA HIS A 276 24.61 12.02 -10.41
C HIS A 276 23.95 11.75 -11.75
N ILE A 277 23.26 12.76 -12.27
CA ILE A 277 22.66 12.69 -13.60
C ILE A 277 23.72 13.00 -14.64
N GLU A 278 24.59 13.94 -14.32
CA GLU A 278 25.61 14.42 -15.23
C GLU A 278 26.66 15.20 -14.41
N ASP A 279 27.94 15.09 -14.80
CA ASP A 279 29.03 15.61 -13.97
C ASP A 279 29.82 16.80 -14.53
N VAL A 280 29.35 17.30 -15.68
CA VAL A 280 29.82 18.54 -16.25
C VAL A 280 29.62 19.59 -15.16
N GLY A 281 30.64 19.69 -14.29
CA GLY A 281 30.59 20.38 -12.99
C GLY A 281 29.96 21.68 -13.30
N PRO A 282 29.06 22.20 -12.44
CA PRO A 282 28.86 21.72 -11.08
C PRO A 282 28.01 20.43 -10.95
N GLY A 283 27.55 19.87 -12.07
CA GLY A 283 26.83 18.60 -12.08
C GLY A 283 25.35 18.78 -11.81
N LEU A 284 24.53 17.86 -12.34
CA LEU A 284 23.14 17.76 -11.95
C LEU A 284 22.92 16.49 -11.14
N CYS A 285 22.21 16.66 -10.04
CA CYS A 285 21.94 15.55 -9.17
C CYS A 285 20.49 15.44 -8.77
N MET A 286 20.11 14.24 -8.34
CA MET A 286 18.84 14.01 -7.66
C MET A 286 19.10 13.56 -6.25
N LEU A 287 18.18 13.90 -5.36
CA LEU A 287 18.23 13.42 -3.97
C LEU A 287 17.61 12.07 -3.95
N ASN A 288 18.34 11.15 -3.34
CA ASN A 288 17.87 9.80 -3.18
C ASN A 288 17.06 9.69 -1.89
N ILE A 289 15.99 10.49 -1.80
CA ILE A 289 15.27 10.63 -0.55
C ILE A 289 13.79 10.71 -0.89
N ILE A 290 13.01 9.80 -0.31
CA ILE A 290 11.57 9.76 -0.49
C ILE A 290 10.85 10.08 0.84
N GLY A 291 9.83 10.93 0.78
CA GLY A 291 8.93 11.12 1.90
C GLY A 291 8.01 9.92 1.94
N LEU A 292 7.80 9.37 3.14
CA LEU A 292 6.98 8.16 3.32
C LEU A 292 6.46 8.04 4.75
N ASP A 293 5.14 8.07 4.91
CA ASP A 293 4.56 8.09 6.24
C ASP A 293 4.07 6.74 6.72
N PHE A 294 4.64 6.26 7.82
CA PHE A 294 4.25 5.01 8.45
C PHE A 294 3.40 5.34 9.67
N PRO A 295 2.61 4.37 10.17
CA PRO A 295 1.71 4.67 11.30
C PRO A 295 2.51 5.26 12.44
N VAL A 296 3.79 4.91 12.48
CA VAL A 296 4.73 5.45 13.45
C VAL A 296 5.90 6.06 12.64
N PRO A 297 6.41 7.22 13.05
CA PRO A 297 7.53 7.85 12.34
C PRO A 297 8.70 6.89 12.10
N THR A 298 9.06 6.70 10.84
CA THR A 298 10.01 5.70 10.47
C THR A 298 10.99 6.23 9.44
N PHE A 299 12.21 5.72 9.47
CA PHE A 299 13.20 6.01 8.44
C PHE A 299 13.53 4.70 7.82
N ILE A 300 13.69 4.67 6.52
CA ILE A 300 14.23 3.47 5.92
C ILE A 300 15.67 3.78 5.58
N LEU A 301 16.58 3.27 6.40
CA LEU A 301 18.00 3.40 6.11
C LEU A 301 18.38 2.33 5.08
N GLY A 302 18.18 2.64 3.80
CA GLY A 302 18.46 1.70 2.72
C GLY A 302 19.87 1.80 2.13
N ASP A 303 19.99 1.47 0.84
CA ASP A 303 21.29 1.38 0.15
C ASP A 303 22.27 2.53 0.40
N PRO A 304 21.82 3.78 0.35
CA PRO A 304 22.71 4.93 0.67
C PRO A 304 23.35 4.91 2.07
N PHE A 305 22.60 4.56 3.12
CA PHE A 305 23.20 4.38 4.45
C PHE A 305 24.15 3.16 4.47
N MET A 306 23.74 2.06 3.83
CA MET A 306 24.54 0.83 3.82
C MET A 306 25.83 0.95 3.00
N ARG A 307 25.83 1.83 2.02
CA ARG A 307 27.07 2.07 1.25
C ARG A 307 28.16 2.68 2.09
N LYS A 308 27.80 3.49 3.07
CA LYS A 308 28.77 4.12 3.94
C LYS A 308 29.03 3.30 5.20
N TYR A 309 27.97 2.67 5.74
CA TYR A 309 28.08 1.92 6.96
C TYR A 309 27.95 0.42 6.70
N PHE A 310 28.94 -0.32 7.19
CA PHE A 310 28.97 -1.78 7.14
C PHE A 310 28.00 -2.24 8.22
N THR A 311 27.24 -3.30 7.97
CA THR A 311 26.15 -3.63 8.88
C THR A 311 26.09 -5.10 9.24
N VAL A 312 25.82 -5.37 10.51
CA VAL A 312 25.75 -6.71 11.01
C VAL A 312 24.33 -7.01 11.44
N PHE A 313 23.78 -8.10 10.95
CA PHE A 313 22.42 -8.51 11.27
C PHE A 313 22.49 -9.79 12.09
N ASP A 314 22.16 -9.67 13.36
CA ASP A 314 22.42 -10.74 14.31
C ASP A 314 21.13 -11.32 14.89
N TYR A 315 20.82 -12.55 14.50
CA TYR A 315 19.63 -13.27 15.00
C TYR A 315 19.79 -13.71 16.45
N ASP A 316 21.02 -14.06 16.85
CA ASP A 316 21.29 -14.60 18.20
C ASP A 316 21.16 -13.51 19.26
N ASN A 317 21.76 -12.35 18.99
CA ASN A 317 21.71 -11.23 19.93
C ASN A 317 20.60 -10.20 19.66
N HIS A 318 19.73 -10.51 18.70
CA HIS A 318 18.56 -9.65 18.34
C HIS A 318 18.93 -8.19 18.11
N SER A 319 19.86 -7.96 17.18
CA SER A 319 20.44 -6.63 17.03
C SER A 319 21.06 -6.35 15.68
N VAL A 320 21.29 -5.08 15.42
CA VAL A 320 22.04 -4.64 14.24
C VAL A 320 23.29 -3.92 14.72
N GLY A 321 24.44 -4.33 14.19
CA GLY A 321 25.73 -3.69 14.44
C GLY A 321 26.07 -2.79 13.26
N ILE A 322 26.60 -1.60 13.55
CA ILE A 322 26.91 -0.61 12.51
C ILE A 322 28.34 -0.11 12.70
N ALA A 323 29.10 -0.04 11.62
CA ALA A 323 30.44 0.53 11.64
C ALA A 323 30.76 1.12 10.28
N LEU A 324 31.70 2.05 10.27
CA LEU A 324 32.09 2.70 9.03
C LEU A 324 32.74 1.68 8.07
N ALA A 325 32.23 1.61 6.85
CA ALA A 325 32.77 0.66 5.88
C ALA A 325 34.15 1.14 5.42
N LYS A 326 35.06 0.19 5.19
CA LYS A 326 36.35 0.57 4.64
C LYS A 326 36.14 1.07 3.24
N LYS A 327 36.82 2.16 2.90
CA LYS A 327 36.58 2.85 1.63
C LYS A 327 37.08 1.96 0.52
N ASN A 328 38.00 1.07 0.87
CA ASN A 328 38.57 0.14 -0.09
C ASN A 328 38.84 -1.29 0.37
N LEU A 329 38.95 -2.19 -0.60
CA LEU A 329 39.24 -3.59 -0.36
C LEU A 329 40.64 -3.99 -0.84
N SER B 1 -41.25 4.34 -13.31
CA SER B 1 -41.71 5.09 -12.10
C SER B 1 -41.20 4.49 -10.78
N SER B 2 -40.72 3.23 -10.82
CA SER B 2 -40.44 2.45 -9.60
C SER B 2 -39.08 2.74 -8.95
N ASN B 3 -38.06 1.96 -9.33
CA ASN B 3 -36.70 1.99 -8.74
C ASN B 3 -36.62 1.43 -7.32
N ASP B 4 -35.45 0.97 -6.95
CA ASP B 4 -35.21 0.33 -5.69
C ASP B 4 -34.42 1.27 -4.77
N ASN B 5 -35.11 1.82 -3.78
CA ASN B 5 -34.51 2.77 -2.86
C ASN B 5 -34.09 2.05 -1.59
N ILE B 6 -32.91 2.38 -1.09
CA ILE B 6 -32.36 1.73 0.08
C ILE B 6 -31.87 2.80 1.03
N GLU B 7 -32.48 2.87 2.22
CA GLU B 7 -32.18 3.90 3.19
C GLU B 7 -30.72 3.84 3.70
N LEU B 8 -30.07 5.00 3.68
CA LEU B 8 -28.74 5.18 4.21
C LEU B 8 -28.83 5.95 5.51
N VAL B 9 -28.30 5.37 6.59
CA VAL B 9 -28.23 6.09 7.86
C VAL B 9 -26.74 6.22 8.19
N ASP B 10 -26.35 7.35 8.78
CA ASP B 10 -24.93 7.52 9.11
C ASP B 10 -24.64 7.20 10.57
N PHE B 11 -23.42 6.74 10.79
CA PHE B 11 -22.91 6.48 12.12
C PHE B 11 -22.03 7.66 12.46
N GLN B 12 -22.61 8.58 13.24
CA GLN B 12 -21.96 9.83 13.68
C GLN B 12 -20.78 10.28 12.79
N ASN B 13 -21.15 10.71 11.57
CA ASN B 13 -20.29 11.47 10.66
C ASN B 13 -19.07 10.79 10.00
N ILE B 14 -18.60 9.68 10.58
CA ILE B 14 -17.39 8.99 10.07
C ILE B 14 -17.70 7.96 8.96
N MET B 15 -18.97 7.56 8.85
CA MET B 15 -19.47 6.73 7.74
C MET B 15 -21.00 6.56 7.76
N PHE B 16 -21.54 5.97 6.70
CA PHE B 16 -22.97 5.65 6.59
C PHE B 16 -23.14 4.21 6.11
N TYR B 17 -24.31 3.62 6.42
CA TYR B 17 -24.59 2.19 6.21
C TYR B 17 -25.93 1.97 5.56
N GLY B 18 -26.06 0.82 4.90
CA GLY B 18 -27.35 0.34 4.36
C GLY B 18 -27.67 -1.11 4.72
N ASP B 19 -28.94 -1.45 4.63
CA ASP B 19 -29.40 -2.80 4.95
C ASP B 19 -29.54 -3.65 3.73
N ALA B 20 -28.99 -4.85 3.83
CA ALA B 20 -29.23 -5.89 2.86
C ALA B 20 -29.41 -7.26 3.56
N GLU B 21 -29.93 -8.25 2.83
CA GLU B 21 -30.13 -9.59 3.41
C GLU B 21 -29.58 -10.69 2.53
N VAL B 22 -29.33 -11.84 3.16
CA VAL B 22 -28.78 -13.03 2.47
C VAL B 22 -29.58 -14.27 2.90
N GLY B 23 -29.87 -15.15 1.93
CA GLY B 23 -30.69 -16.36 2.15
C GLY B 23 -32.18 -16.10 2.24
N ASP B 24 -33.03 -17.07 1.88
CA ASP B 24 -34.48 -16.82 1.94
C ASP B 24 -35.07 -16.82 3.33
N ASN B 25 -34.24 -17.11 4.32
CA ASN B 25 -34.60 -16.83 5.71
C ASN B 25 -34.44 -15.33 6.02
N GLN B 26 -33.84 -14.61 5.06
CA GLN B 26 -33.66 -13.15 5.11
C GLN B 26 -32.81 -12.74 6.32
N GLN B 27 -31.59 -13.24 6.33
CA GLN B 27 -30.65 -12.90 7.39
C GLN B 27 -30.18 -11.45 7.26
N PRO B 28 -30.47 -10.65 8.29
CA PRO B 28 -30.24 -9.21 8.25
C PRO B 28 -28.77 -8.81 8.49
N PHE B 29 -28.20 -8.06 7.55
CA PHE B 29 -26.86 -7.50 7.69
C PHE B 29 -26.83 -5.97 7.55
N THR B 30 -25.72 -5.37 7.98
CA THR B 30 -25.45 -3.96 7.80
C THR B 30 -24.17 -3.80 7.00
N PHE B 31 -24.23 -3.07 5.90
CA PHE B 31 -23.07 -2.98 5.00
C PHE B 31 -22.55 -1.58 4.78
N ILE B 32 -21.24 -1.47 4.62
CA ILE B 32 -20.66 -0.35 3.92
C ILE B 32 -20.93 -0.53 2.43
N LEU B 33 -21.45 0.51 1.78
CA LEU B 33 -21.80 0.49 0.36
C LEU B 33 -20.73 1.27 -0.35
N ASP B 34 -19.82 0.55 -1.02
CA ASP B 34 -18.49 1.06 -1.32
C ASP B 34 -18.14 1.04 -2.81
N THR B 35 -18.11 2.21 -3.45
CA THR B 35 -17.92 2.26 -4.91
C THR B 35 -16.46 2.02 -5.28
N GLY B 36 -15.63 1.95 -4.24
CA GLY B 36 -14.22 1.73 -4.42
C GLY B 36 -13.81 0.27 -4.36
N SER B 37 -14.78 -0.63 -4.21
CA SER B 37 -14.49 -2.06 -4.38
C SER B 37 -15.58 -2.82 -5.18
N ALA B 38 -15.38 -4.11 -5.41
CA ALA B 38 -16.24 -4.83 -6.33
C ALA B 38 -16.72 -6.20 -5.84
N ASN B 39 -16.75 -6.39 -4.52
CA ASN B 39 -17.23 -7.65 -3.98
C ASN B 39 -18.18 -7.46 -2.82
N LEU B 40 -19.08 -8.42 -2.66
CA LEU B 40 -19.89 -8.52 -1.47
C LEU B 40 -19.18 -9.44 -0.43
N TRP B 41 -18.81 -8.86 0.72
CA TRP B 41 -18.13 -9.59 1.77
C TRP B 41 -19.07 -9.78 2.95
N VAL B 42 -19.33 -11.03 3.34
CA VAL B 42 -20.23 -11.36 4.46
C VAL B 42 -19.48 -12.16 5.55
N PRO B 43 -19.68 -11.87 6.83
CA PRO B 43 -19.15 -12.72 7.92
C PRO B 43 -20.03 -13.96 8.20
N SER B 44 -19.42 -15.15 8.26
CA SER B 44 -20.20 -16.36 8.58
C SER B 44 -20.14 -16.82 10.04
N VAL B 45 -21.11 -17.65 10.42
CA VAL B 45 -21.15 -18.29 11.75
C VAL B 45 -19.85 -19.03 12.08
N LYS B 46 -19.17 -19.49 11.04
CA LYS B 46 -17.92 -20.26 11.14
C LYS B 46 -16.72 -19.40 11.56
N CYS B 47 -16.97 -18.13 11.80
CA CYS B 47 -15.91 -17.21 12.16
C CYS B 47 -15.85 -17.07 13.68
N THR B 48 -14.71 -17.45 14.24
CA THR B 48 -14.53 -17.51 15.70
C THR B 48 -14.03 -16.19 16.28
N THR B 49 -13.19 -15.50 15.50
CA THR B 49 -12.60 -14.22 15.88
C THR B 49 -13.46 -13.34 16.78
N ALA B 50 -12.81 -12.71 17.76
CA ALA B 50 -13.44 -11.78 18.68
C ALA B 50 -14.43 -10.82 17.98
N GLY B 51 -14.02 -10.29 16.83
CA GLY B 51 -14.81 -9.34 16.03
C GLY B 51 -16.21 -9.81 15.64
N CYS B 52 -16.26 -10.99 15.00
CA CYS B 52 -17.51 -11.61 14.56
C CYS B 52 -18.56 -11.73 15.64
N LEU B 53 -18.15 -12.06 16.86
CA LEU B 53 -19.07 -12.21 17.98
C LEU B 53 -19.95 -10.99 18.26
N THR B 54 -19.50 -9.79 17.89
CA THR B 54 -20.34 -8.58 18.00
C THR B 54 -21.26 -8.36 16.79
N LYS B 55 -20.96 -9.05 15.68
CA LYS B 55 -21.66 -8.86 14.41
C LYS B 55 -22.79 -9.88 14.14
N HIS B 56 -23.70 -9.49 13.26
CA HIS B 56 -24.64 -10.43 12.64
C HIS B 56 -23.86 -11.38 11.73
N LEU B 57 -24.12 -12.68 11.87
CA LEU B 57 -23.36 -13.68 11.09
C LEU B 57 -24.22 -14.44 10.11
N TYR B 58 -23.58 -14.94 9.06
CA TYR B 58 -24.26 -15.71 8.02
C TYR B 58 -24.19 -17.23 8.23
N ASP B 59 -25.37 -17.83 8.39
CA ASP B 59 -25.51 -19.26 8.57
C ASP B 59 -26.09 -19.87 7.31
N SER B 60 -25.24 -20.46 6.46
CA SER B 60 -25.70 -21.02 5.19
C SER B 60 -26.64 -22.21 5.36
N SER B 61 -26.39 -23.01 6.39
CA SER B 61 -27.22 -24.18 6.69
C SER B 61 -28.68 -23.85 7.03
N LYS B 62 -29.02 -22.58 7.11
CA LYS B 62 -30.39 -22.17 7.47
C LYS B 62 -31.16 -21.62 6.27
N SER B 63 -30.53 -21.67 5.09
CA SER B 63 -31.08 -21.10 3.86
C SER B 63 -31.16 -22.13 2.75
N ARG B 64 -32.38 -22.36 2.26
CA ARG B 64 -32.65 -23.36 1.20
C ARG B 64 -31.96 -23.07 -0.13
N THR B 65 -31.50 -21.85 -0.36
CA THR B 65 -30.94 -21.48 -1.68
C THR B 65 -29.43 -21.41 -1.74
N TYR B 66 -28.78 -21.71 -0.62
CA TYR B 66 -27.32 -21.77 -0.56
C TYR B 66 -26.76 -22.77 -1.57
N GLU B 67 -25.83 -22.29 -2.39
CA GLU B 67 -25.04 -23.15 -3.28
C GLU B 67 -23.61 -23.06 -2.82
N LYS B 68 -23.03 -24.19 -2.43
CA LYS B 68 -21.61 -24.21 -2.11
C LYS B 68 -20.86 -23.86 -3.40
N ASP B 69 -19.80 -23.07 -3.26
CA ASP B 69 -18.84 -22.84 -4.33
C ASP B 69 -17.50 -23.27 -3.73
N GLY B 70 -17.16 -22.66 -2.60
CA GLY B 70 -16.04 -23.10 -1.79
C GLY B 70 -14.68 -22.57 -2.17
N THR B 71 -14.56 -21.96 -3.35
CA THR B 71 -13.27 -21.42 -3.81
C THR B 71 -12.57 -20.53 -2.76
N LYS B 72 -11.38 -20.95 -2.35
CA LYS B 72 -10.60 -20.25 -1.33
C LYS B 72 -10.29 -18.79 -1.71
N VAL B 73 -10.15 -17.94 -0.71
CA VAL B 73 -9.85 -16.50 -0.92
C VAL B 73 -9.00 -15.98 0.24
N GLU B 74 -7.78 -15.51 -0.05
CA GLU B 74 -6.91 -14.88 0.96
C GLU B 74 -6.55 -13.44 0.55
N MET B 75 -6.57 -12.54 1.53
CA MET B 75 -6.34 -11.12 1.27
C MET B 75 -5.43 -10.52 2.34
N ASN B 76 -4.34 -9.91 1.91
CA ASN B 76 -3.44 -9.21 2.82
C ASN B 76 -3.59 -7.71 2.64
N TYR B 77 -3.93 -7.02 3.73
CA TYR B 77 -4.34 -5.61 3.65
C TYR B 77 -3.40 -4.57 4.31
N VAL B 78 -3.26 -4.61 5.63
CA VAL B 78 -2.34 -3.72 6.34
C VAL B 78 -1.07 -4.49 6.72
N SER B 79 -1.26 -5.63 7.39
CA SER B 79 -0.24 -6.67 7.58
C SER B 79 -0.86 -8.06 7.71
N GLY B 80 -1.89 -8.18 8.56
CA GLY B 80 -2.61 -9.45 8.78
C GLY B 80 -3.51 -9.90 7.63
N THR B 81 -4.04 -11.13 7.71
CA THR B 81 -4.86 -11.69 6.62
C THR B 81 -6.37 -11.67 6.86
N VAL B 82 -7.12 -11.30 5.80
CA VAL B 82 -8.57 -11.52 5.71
C VAL B 82 -8.80 -12.73 4.79
N SER B 83 -9.46 -13.77 5.31
CA SER B 83 -9.65 -14.99 4.51
C SER B 83 -11.06 -15.54 4.59
N GLY B 84 -11.45 -16.21 3.53
CA GLY B 84 -12.77 -16.83 3.44
C GLY B 84 -12.92 -17.50 2.09
N PHE B 85 -14.15 -17.86 1.75
CA PHE B 85 -14.40 -18.62 0.52
C PHE B 85 -15.64 -18.13 -0.21
N PHE B 86 -15.68 -18.34 -1.51
CA PHE B 86 -16.86 -17.94 -2.29
C PHE B 86 -18.09 -18.77 -1.94
N SER B 87 -19.23 -18.09 -1.88
CA SER B 87 -20.51 -18.74 -1.73
C SER B 87 -21.49 -18.12 -2.72
N LYS B 88 -22.67 -18.71 -2.81
CA LYS B 88 -23.72 -18.09 -3.58
C LYS B 88 -24.95 -18.28 -2.76
N ASP B 89 -25.77 -17.24 -2.74
CA ASP B 89 -27.07 -17.33 -2.15
C ASP B 89 -27.92 -16.15 -2.66
N LEU B 90 -29.19 -16.12 -2.25
CA LEU B 90 -30.08 -15.00 -2.59
C LEU B 90 -29.67 -13.75 -1.79
N VAL B 91 -29.46 -12.64 -2.49
CA VAL B 91 -29.15 -11.35 -1.83
C VAL B 91 -30.30 -10.35 -2.07
N THR B 92 -30.88 -9.87 -0.99
CA THR B 92 -31.96 -8.90 -1.09
C THR B 92 -31.43 -7.50 -0.79
N VAL B 93 -31.51 -6.62 -1.78
CA VAL B 93 -31.20 -5.21 -1.59
C VAL B 93 -32.45 -4.40 -1.81
N GLY B 94 -32.98 -3.80 -0.75
CA GLY B 94 -34.21 -3.02 -0.85
C GLY B 94 -35.33 -3.98 -1.17
N ASN B 95 -35.97 -3.82 -2.34
CA ASN B 95 -37.04 -4.74 -2.76
C ASN B 95 -36.69 -5.63 -3.96
N LEU B 96 -35.41 -5.91 -4.15
CA LEU B 96 -34.99 -6.70 -5.27
C LEU B 96 -34.14 -7.85 -4.80
N SER B 97 -34.12 -8.93 -5.58
CA SER B 97 -33.44 -10.13 -5.16
C SER B 97 -32.75 -10.78 -6.32
N LEU B 98 -31.61 -11.40 -6.02
CA LEU B 98 -30.88 -12.11 -7.02
C LEU B 98 -29.89 -13.08 -6.38
N PRO B 99 -29.87 -14.32 -6.87
CA PRO B 99 -28.72 -15.21 -6.66
C PRO B 99 -27.47 -14.40 -6.89
N TYR B 100 -26.53 -14.44 -5.94
CA TYR B 100 -25.29 -13.70 -6.09
C TYR B 100 -24.07 -14.37 -5.45
N LYS B 101 -22.98 -14.39 -6.20
CA LYS B 101 -21.68 -14.94 -5.79
C LYS B 101 -20.98 -13.92 -4.84
N PHE B 102 -20.95 -14.24 -3.54
CA PHE B 102 -20.28 -13.40 -2.55
C PHE B 102 -19.10 -14.10 -1.85
N ILE B 103 -18.42 -13.37 -0.96
CA ILE B 103 -17.30 -13.92 -0.20
C ILE B 103 -17.65 -14.07 1.28
N GLU B 104 -17.82 -15.32 1.70
CA GLU B 104 -18.10 -15.70 3.08
C GLU B 104 -16.78 -15.68 3.83
N VAL B 105 -16.75 -14.95 4.95
CA VAL B 105 -15.51 -14.64 5.66
C VAL B 105 -15.41 -15.35 7.00
N ILE B 106 -14.24 -15.96 7.23
CA ILE B 106 -13.96 -16.81 8.39
C ILE B 106 -12.95 -16.14 9.31
N ASP B 107 -12.02 -15.39 8.72
CA ASP B 107 -10.94 -14.80 9.47
C ASP B 107 -10.83 -13.31 9.17
N THR B 108 -10.88 -12.50 10.22
CA THR B 108 -10.81 -11.04 10.12
C THR B 108 -9.62 -10.37 10.85
N ASN B 109 -8.71 -11.17 11.41
CA ASN B 109 -7.53 -10.64 12.11
C ASN B 109 -6.59 -9.99 11.11
N GLY B 110 -6.64 -8.66 11.09
CA GLY B 110 -5.93 -7.84 10.11
C GLY B 110 -6.78 -6.61 9.84
N PHE B 111 -8.06 -6.86 9.52
CA PHE B 111 -9.05 -5.80 9.39
C PHE B 111 -9.47 -5.34 10.79
N GLU B 112 -8.49 -5.26 11.69
CA GLU B 112 -8.69 -4.81 13.08
C GLU B 112 -7.79 -3.61 13.42
N PRO B 113 -8.18 -2.80 14.41
CA PRO B 113 -9.39 -2.99 15.20
C PRO B 113 -10.60 -2.30 14.56
N THR B 114 -10.41 -1.83 13.33
CA THR B 114 -11.44 -1.21 12.50
C THR B 114 -12.78 -1.92 12.61
N TYR B 115 -12.76 -3.23 12.35
CA TYR B 115 -13.98 -4.06 12.28
C TYR B 115 -14.72 -4.12 13.62
N THR B 116 -13.96 -4.34 14.70
CA THR B 116 -14.50 -4.35 16.07
C THR B 116 -14.99 -2.96 16.47
N ALA B 117 -14.19 -1.94 16.12
CA ALA B 117 -14.57 -0.56 16.39
C ALA B 117 -15.99 -0.25 15.91
N SER B 118 -16.23 -0.34 14.59
CA SER B 118 -17.50 0.12 14.01
C SER B 118 -18.65 -0.90 14.02
N THR B 119 -19.86 -0.42 13.73
CA THR B 119 -21.06 -1.27 13.80
C THR B 119 -21.60 -1.74 12.45
N PHE B 120 -20.73 -2.24 11.59
CA PHE B 120 -21.18 -2.79 10.31
C PHE B 120 -20.74 -4.24 10.21
N ASP B 121 -21.49 -5.03 9.46
CA ASP B 121 -21.21 -6.46 9.37
C ASP B 121 -20.32 -6.76 8.17
N GLY B 122 -20.66 -6.23 7.00
CA GLY B 122 -19.82 -6.46 5.82
C GLY B 122 -19.65 -5.28 4.89
N ILE B 123 -19.08 -5.55 3.70
CA ILE B 123 -18.90 -4.54 2.68
C ILE B 123 -19.54 -5.02 1.37
N LEU B 124 -20.35 -4.15 0.78
CA LEU B 124 -20.91 -4.38 -0.56
C LEU B 124 -20.21 -3.48 -1.59
N GLY B 125 -19.39 -4.05 -2.46
CA GLY B 125 -18.75 -3.26 -3.51
C GLY B 125 -19.72 -2.81 -4.58
N LEU B 126 -19.41 -1.71 -5.25
CA LEU B 126 -20.24 -1.22 -6.37
C LEU B 126 -19.34 -0.68 -7.49
N GLY B 127 -18.13 -1.24 -7.58
CA GLY B 127 -17.20 -0.90 -8.62
C GLY B 127 -17.49 -1.68 -9.88
N TRP B 128 -16.47 -1.80 -10.74
CA TRP B 128 -16.58 -2.52 -12.00
C TRP B 128 -16.06 -3.94 -11.88
N LYS B 129 -16.43 -4.75 -12.87
CA LYS B 129 -16.10 -6.18 -12.96
C LYS B 129 -14.60 -6.47 -12.83
N ASP B 130 -13.79 -5.75 -13.62
CA ASP B 130 -12.34 -5.94 -13.66
C ASP B 130 -11.68 -5.57 -12.33
N LEU B 131 -12.48 -5.09 -11.38
CA LEU B 131 -11.93 -4.75 -10.08
C LEU B 131 -12.24 -5.85 -9.08
N SER B 132 -13.11 -6.79 -9.45
CA SER B 132 -13.51 -7.85 -8.52
C SER B 132 -12.53 -9.02 -8.43
N ILE B 133 -12.59 -9.72 -7.31
CA ILE B 133 -11.94 -10.99 -7.15
C ILE B 133 -12.86 -12.04 -7.76
N GLY B 134 -12.30 -12.85 -8.67
CA GLY B 134 -13.04 -13.90 -9.35
C GLY B 134 -14.09 -13.40 -10.35
N SER B 135 -13.84 -12.21 -10.91
CA SER B 135 -14.67 -11.65 -12.00
C SER B 135 -16.20 -11.74 -11.79
N VAL B 136 -16.70 -11.40 -10.60
CA VAL B 136 -18.13 -11.29 -10.40
C VAL B 136 -18.71 -10.11 -11.17
N ASP B 137 -19.90 -10.27 -11.71
CA ASP B 137 -20.57 -9.13 -12.32
C ASP B 137 -21.19 -8.29 -11.22
N PRO B 138 -21.01 -6.97 -11.32
CA PRO B 138 -21.63 -6.04 -10.39
C PRO B 138 -23.12 -6.33 -10.18
N ILE B 139 -23.61 -6.20 -8.95
CA ILE B 139 -25.01 -6.45 -8.61
C ILE B 139 -25.95 -5.66 -9.53
N VAL B 140 -25.57 -4.45 -9.87
CA VAL B 140 -26.46 -3.60 -10.66
C VAL B 140 -26.53 -4.10 -12.11
N VAL B 141 -25.45 -4.70 -12.58
CA VAL B 141 -25.42 -5.25 -13.91
C VAL B 141 -26.28 -6.51 -13.97
N GLU B 142 -26.07 -7.43 -13.02
CA GLU B 142 -26.92 -8.62 -12.93
C GLU B 142 -28.39 -8.22 -12.95
N LEU B 143 -28.79 -7.34 -12.03
CA LEU B 143 -30.18 -6.90 -11.95
C LEU B 143 -30.73 -6.40 -13.28
N LYS B 144 -29.94 -5.60 -13.99
CA LYS B 144 -30.33 -5.16 -15.33
C LYS B 144 -30.48 -6.35 -16.31
N ASN B 145 -29.47 -7.21 -16.36
CA ASN B 145 -29.49 -8.38 -17.25
C ASN B 145 -30.69 -9.31 -17.03
N GLN B 146 -31.16 -9.41 -15.80
CA GLN B 146 -32.35 -10.16 -15.44
C GLN B 146 -33.64 -9.32 -15.47
N ASN B 147 -33.61 -8.17 -16.14
CA ASN B 147 -34.79 -7.32 -16.36
C ASN B 147 -35.53 -6.84 -15.10
N LYS B 148 -34.85 -6.81 -13.97
CA LYS B 148 -35.47 -6.39 -12.71
C LYS B 148 -35.46 -4.87 -12.54
N ILE B 149 -34.66 -4.20 -13.36
CA ILE B 149 -34.54 -2.74 -13.39
C ILE B 149 -34.29 -2.46 -14.86
N GLU B 150 -34.64 -1.27 -15.33
CA GLU B 150 -34.51 -1.01 -16.77
C GLU B 150 -33.38 -0.06 -17.15
N ASN B 151 -32.64 0.40 -16.14
CA ASN B 151 -31.37 1.09 -16.35
C ASN B 151 -30.31 0.47 -15.46
N ALA B 152 -29.18 0.09 -16.05
CA ALA B 152 -28.02 -0.35 -15.30
C ALA B 152 -27.29 0.88 -14.71
N LEU B 153 -27.92 1.44 -13.68
CA LEU B 153 -27.35 2.55 -12.96
C LEU B 153 -27.79 2.59 -11.49
N PHE B 154 -26.99 3.25 -10.66
CA PHE B 154 -27.38 3.58 -9.28
C PHE B 154 -26.97 5.01 -8.87
N THR B 155 -27.66 5.54 -7.86
CA THR B 155 -27.39 6.89 -7.43
C THR B 155 -27.18 6.93 -5.93
N PHE B 156 -26.31 7.86 -5.52
CA PHE B 156 -26.08 8.19 -4.12
C PHE B 156 -26.54 9.59 -3.74
N TYR B 157 -27.40 9.64 -2.74
CA TYR B 157 -27.81 10.87 -2.08
C TYR B 157 -27.47 10.68 -0.61
N LEU B 158 -26.37 11.27 -0.16
CA LEU B 158 -25.82 10.96 1.14
C LEU B 158 -26.67 11.59 2.24
N PRO B 159 -26.73 10.93 3.40
CA PRO B 159 -27.38 11.53 4.55
C PRO B 159 -26.58 12.77 5.00
N VAL B 160 -27.22 13.70 5.68
CA VAL B 160 -26.51 14.84 6.27
C VAL B 160 -26.95 14.87 7.71
N HIS B 161 -26.01 14.72 8.64
CA HIS B 161 -26.37 14.55 10.05
C HIS B 161 -27.29 15.67 10.55
N ASP B 162 -28.32 15.25 11.28
CA ASP B 162 -29.34 16.13 11.85
C ASP B 162 -30.27 16.84 10.84
N LYS B 163 -29.87 16.86 9.56
CA LYS B 163 -30.75 17.42 8.55
C LYS B 163 -31.67 16.37 7.90
N HIS B 164 -31.10 15.27 7.41
CA HIS B 164 -31.88 14.25 6.69
C HIS B 164 -31.19 12.91 6.47
N THR B 165 -32.01 11.90 6.23
CA THR B 165 -31.50 10.58 5.88
C THR B 165 -31.10 10.54 4.39
N GLY B 166 -30.50 9.45 3.96
CA GLY B 166 -30.05 9.33 2.57
C GLY B 166 -30.53 8.06 1.88
N PHE B 167 -30.14 7.89 0.61
CA PHE B 167 -30.56 6.74 -0.19
C PHE B 167 -29.54 6.30 -1.25
N LEU B 168 -29.41 4.98 -1.42
CA LEU B 168 -28.85 4.36 -2.64
C LEU B 168 -30.03 3.96 -3.51
N THR B 169 -30.08 4.43 -4.75
CA THR B 169 -31.22 4.10 -5.61
C THR B 169 -30.71 3.27 -6.75
N ILE B 170 -31.41 2.17 -7.03
CA ILE B 170 -31.05 1.35 -8.17
C ILE B 170 -32.07 1.40 -9.32
N GLY B 171 -31.57 1.65 -10.53
CA GLY B 171 -32.33 1.42 -11.75
C GLY B 171 -32.86 2.68 -12.42
N GLY B 172 -32.81 3.80 -11.70
CA GLY B 172 -33.13 5.09 -12.32
C GLY B 172 -32.88 6.31 -11.46
N ILE B 173 -32.87 7.49 -12.09
CA ILE B 173 -32.61 8.76 -11.42
C ILE B 173 -33.92 9.38 -10.99
N GLU B 174 -34.03 9.71 -9.71
CA GLU B 174 -35.21 10.38 -9.23
C GLU B 174 -34.95 11.86 -8.99
N GLU B 175 -35.75 12.63 -9.71
CA GLU B 175 -35.73 14.06 -9.70
C GLU B 175 -35.66 14.73 -8.31
N ARG B 176 -36.20 14.10 -7.27
CA ARG B 176 -36.28 14.77 -5.96
C ARG B 176 -34.92 14.88 -5.22
N PHE B 177 -33.92 14.12 -5.62
CA PHE B 177 -32.64 14.17 -4.95
C PHE B 177 -31.79 15.35 -5.40
N TYR B 178 -32.19 16.06 -6.46
CA TYR B 178 -31.31 17.14 -6.93
C TYR B 178 -31.94 18.39 -7.47
N GLU B 179 -31.08 19.36 -7.75
CA GLU B 179 -31.45 20.67 -8.28
C GLU B 179 -30.33 21.18 -9.14
N GLY B 180 -30.66 22.03 -10.12
CA GLY B 180 -29.69 22.55 -11.06
C GLY B 180 -29.51 21.46 -12.08
N PRO B 181 -28.63 21.67 -13.06
CA PRO B 181 -28.43 20.67 -14.12
C PRO B 181 -27.74 19.42 -13.57
N LEU B 182 -27.95 18.31 -14.25
CA LEU B 182 -27.22 17.09 -14.01
C LEU B 182 -26.32 16.98 -15.22
N THR B 183 -25.02 17.03 -15.01
CA THR B 183 -24.06 16.96 -16.12
C THR B 183 -23.32 15.65 -15.99
N TYR B 184 -22.92 15.06 -17.13
CA TYR B 184 -22.30 13.73 -17.15
C TYR B 184 -20.84 13.80 -17.52
N GLU B 185 -20.03 12.99 -16.86
CA GLU B 185 -18.60 12.94 -17.11
C GLU B 185 -18.23 11.50 -17.42
N LYS B 186 -17.56 11.29 -18.56
CA LYS B 186 -17.20 9.94 -19.04
C LYS B 186 -16.07 9.28 -18.24
N LEU B 187 -16.24 8.01 -17.93
CA LEU B 187 -15.15 7.27 -17.32
C LEU B 187 -13.93 7.30 -18.24
N ASN B 188 -12.75 7.48 -17.66
CA ASN B 188 -11.51 7.35 -18.43
C ASN B 188 -10.90 5.95 -18.30
N HIS B 189 -11.56 5.08 -17.53
CA HIS B 189 -11.20 3.67 -17.33
C HIS B 189 -12.34 2.99 -16.63
N ASP B 190 -12.70 1.80 -17.12
CA ASP B 190 -13.73 0.97 -16.47
C ASP B 190 -13.08 0.13 -15.37
N LEU B 191 -12.94 0.72 -14.17
CA LEU B 191 -12.39 0.03 -13.03
C LEU B 191 -12.90 0.68 -11.73
N TYR B 192 -12.32 1.83 -11.39
CA TYR B 192 -12.95 2.71 -10.42
C TYR B 192 -13.88 3.65 -11.20
N TRP B 193 -14.63 4.47 -10.50
CA TRP B 193 -15.42 5.45 -11.19
C TRP B 193 -14.57 6.70 -11.34
N GLN B 194 -13.73 6.71 -12.36
CA GLN B 194 -12.74 7.73 -12.55
C GLN B 194 -13.01 8.56 -13.77
N ILE B 195 -12.94 9.86 -13.57
CA ILE B 195 -13.20 10.83 -14.61
C ILE B 195 -12.05 11.79 -14.68
N THR B 196 -12.06 12.63 -15.70
CA THR B 196 -11.02 13.65 -15.91
C THR B 196 -11.61 15.02 -15.65
N LEU B 197 -11.11 15.69 -14.60
CA LEU B 197 -11.47 17.08 -14.30
C LEU B 197 -10.21 17.97 -14.16
N ASP B 198 -10.37 19.27 -14.34
CA ASP B 198 -9.28 20.17 -14.08
C ASP B 198 -9.46 20.71 -12.68
N ALA B 199 -8.45 20.54 -11.84
CA ALA B 199 -8.55 20.97 -10.46
C ALA B 199 -7.81 22.27 -10.25
N HIS B 200 -8.45 23.15 -9.49
CA HIS B 200 -8.11 24.56 -9.44
C HIS B 200 -8.58 25.04 -8.06
N VAL B 201 -7.62 25.52 -7.26
CA VAL B 201 -7.88 26.05 -5.93
C VAL B 201 -7.09 27.34 -5.77
N GLY B 202 -7.76 28.50 -5.91
CA GLY B 202 -7.05 29.77 -5.98
C GLY B 202 -6.17 29.81 -7.22
N ASN B 203 -4.94 30.30 -7.09
CA ASN B 203 -4.01 30.35 -8.23
C ASN B 203 -3.32 29.02 -8.56
N ILE B 204 -3.54 27.99 -7.72
CA ILE B 204 -3.06 26.64 -8.01
C ILE B 204 -4.00 25.91 -8.98
N MET B 205 -3.42 25.36 -10.04
CA MET B 205 -4.17 24.71 -11.11
C MET B 205 -3.49 23.40 -11.45
N LEU B 206 -4.30 22.44 -11.86
CA LEU B 206 -3.79 21.16 -12.34
C LEU B 206 -4.77 20.66 -13.39
N GLU B 207 -4.32 20.75 -14.64
CA GLU B 207 -5.07 20.31 -15.80
C GLU B 207 -5.26 18.80 -15.80
N LYS B 208 -6.46 18.38 -16.20
CA LYS B 208 -6.77 16.98 -16.52
C LYS B 208 -6.39 15.96 -15.46
N ALA B 209 -6.91 16.12 -14.24
CA ALA B 209 -6.61 15.20 -13.15
C ALA B 209 -7.57 14.01 -13.15
N ASN B 210 -7.08 12.85 -12.71
CA ASN B 210 -7.90 11.65 -12.53
C ASN B 210 -8.68 11.82 -11.24
N CYS B 211 -10.00 11.93 -11.33
CA CYS B 211 -10.80 12.04 -10.11
C CYS B 211 -11.61 10.80 -9.89
N ILE B 212 -11.44 10.21 -8.74
CA ILE B 212 -12.19 9.03 -8.40
C ILE B 212 -13.33 9.43 -7.48
N VAL B 213 -14.56 9.10 -7.87
CA VAL B 213 -15.74 9.32 -7.02
C VAL B 213 -15.97 8.05 -6.21
N ASP B 214 -15.74 8.12 -4.90
CA ASP B 214 -15.71 6.91 -4.06
C ASP B 214 -16.44 7.06 -2.73
N SER B 215 -17.52 6.30 -2.55
CA SER B 215 -18.32 6.42 -1.33
C SER B 215 -17.62 5.83 -0.10
N GLY B 216 -16.57 5.04 -0.33
CA GLY B 216 -15.87 4.35 0.75
C GLY B 216 -14.74 5.13 1.36
N THR B 217 -14.49 6.35 0.88
CA THR B 217 -13.49 7.24 1.49
C THR B 217 -14.15 8.40 2.25
N SER B 218 -13.78 8.56 3.53
CA SER B 218 -14.20 9.71 4.38
C SER B 218 -13.66 11.06 3.97
N ALA B 219 -12.47 11.10 3.39
CA ALA B 219 -11.80 12.36 3.13
C ALA B 219 -11.98 12.83 1.68
N ILE B 220 -11.46 14.02 1.41
CA ILE B 220 -11.04 14.38 0.08
C ILE B 220 -9.55 14.13 0.13
N THR B 221 -9.03 13.20 -0.69
CA THR B 221 -7.58 13.01 -0.82
C THR B 221 -7.08 13.80 -2.01
N VAL B 222 -5.87 14.35 -1.90
CA VAL B 222 -5.34 15.37 -2.82
C VAL B 222 -3.85 15.08 -3.12
N PRO B 223 -3.36 15.29 -4.34
CA PRO B 223 -1.93 15.06 -4.63
C PRO B 223 -1.09 15.96 -3.72
N THR B 224 0.04 15.46 -3.21
CA THR B 224 0.75 16.17 -2.13
C THR B 224 1.33 17.53 -2.50
N ASP B 225 1.75 17.73 -3.75
CA ASP B 225 2.21 19.07 -4.20
C ASP B 225 1.05 20.06 -4.06
N PHE B 226 -0.14 19.59 -4.40
CA PHE B 226 -1.32 20.41 -4.31
C PHE B 226 -1.58 20.85 -2.87
N LEU B 227 -1.74 19.87 -1.98
CA LEU B 227 -1.98 20.11 -0.57
C LEU B 227 -1.00 21.12 -0.03
N ASN B 228 0.29 20.82 -0.17
CA ASN B 228 1.35 21.68 0.33
C ASN B 228 1.15 23.09 -0.13
N LYS B 229 0.94 23.27 -1.43
CA LYS B 229 0.78 24.61 -1.94
C LYS B 229 -0.42 25.28 -1.30
N MET B 230 -1.58 24.64 -1.36
CA MET B 230 -2.81 25.23 -0.81
C MET B 230 -2.83 25.49 0.70
N LEU B 231 -1.98 24.81 1.47
CA LEU B 231 -1.93 25.04 2.93
C LEU B 231 -1.17 26.29 3.39
N GLN B 232 -0.21 26.74 2.59
CA GLN B 232 0.65 27.87 2.97
C GLN B 232 -0.15 29.10 3.34
N ASN B 233 0.11 29.61 4.54
CA ASN B 233 -0.47 30.87 5.03
C ASN B 233 -1.98 30.85 5.34
N LEU B 234 -2.49 29.70 5.79
CA LEU B 234 -3.93 29.57 6.05
C LEU B 234 -4.35 29.61 7.52
N ASP B 235 -3.38 29.60 8.44
CA ASP B 235 -3.70 29.56 9.87
C ASP B 235 -4.29 28.20 10.26
N VAL B 236 -3.63 27.15 9.79
CA VAL B 236 -4.02 25.78 10.01
C VAL B 236 -2.80 25.15 10.61
N ILE B 237 -2.95 24.46 11.74
CA ILE B 237 -1.81 23.82 12.38
C ILE B 237 -1.81 22.33 12.11
N LYS B 238 -0.65 21.80 11.76
CA LYS B 238 -0.56 20.38 11.47
C LYS B 238 -0.15 19.64 12.72
N VAL B 239 -0.90 18.62 13.11
CA VAL B 239 -0.40 17.77 14.19
C VAL B 239 0.79 16.94 13.67
N PRO B 240 1.93 17.03 14.35
CA PRO B 240 3.18 16.42 13.89
C PRO B 240 3.05 14.94 13.61
N PHE B 241 3.54 14.52 12.45
CA PHE B 241 3.59 13.11 12.03
C PHE B 241 2.24 12.40 11.90
N LEU B 242 1.16 13.17 11.87
CA LEU B 242 -0.14 12.61 11.59
C LEU B 242 -0.83 13.44 10.51
N PRO B 243 -1.60 12.79 9.64
CA PRO B 243 -2.32 13.48 8.57
C PRO B 243 -3.49 14.30 9.08
N PHE B 244 -3.29 15.15 10.09
CA PHE B 244 -4.39 15.95 10.63
C PHE B 244 -4.07 17.43 10.73
N TYR B 245 -5.03 18.24 10.30
CA TYR B 245 -4.87 19.68 10.28
C TYR B 245 -5.99 20.34 11.02
N VAL B 246 -5.63 21.26 11.91
CA VAL B 246 -6.56 21.84 12.85
C VAL B 246 -6.68 23.28 12.46
N THR B 247 -7.89 23.81 12.63
CA THR B 247 -8.19 25.19 12.30
C THR B 247 -9.43 25.60 13.09
N LEU B 248 -9.54 26.90 13.40
CA LEU B 248 -10.77 27.46 13.91
C LEU B 248 -11.83 27.27 12.80
N CYS B 249 -13.06 26.95 13.18
CA CYS B 249 -14.13 26.71 12.20
C CYS B 249 -14.58 27.97 11.43
N ASN B 250 -14.39 29.13 12.02
CA ASN B 250 -14.74 30.39 11.32
C ASN B 250 -13.62 30.91 10.40
N ASN B 251 -12.50 30.20 10.34
CA ASN B 251 -11.34 30.67 9.56
C ASN B 251 -11.74 30.97 8.12
N SER B 252 -11.78 32.24 7.80
CA SER B 252 -12.26 32.68 6.47
C SER B 252 -11.19 32.68 5.37
N LYS B 253 -9.99 32.20 5.66
CA LYS B 253 -8.93 32.05 4.64
C LYS B 253 -8.94 30.68 3.96
N LEU B 254 -9.80 29.76 4.40
CA LEU B 254 -9.87 28.42 3.83
C LEU B 254 -10.40 28.43 2.37
N PRO B 255 -9.77 27.69 1.47
CA PRO B 255 -10.08 27.80 0.07
C PRO B 255 -11.16 26.81 -0.41
N THR B 256 -11.68 27.11 -1.60
CA THR B 256 -12.72 26.37 -2.24
C THR B 256 -12.07 25.54 -3.35
N PHE B 257 -12.53 24.29 -3.53
CA PHE B 257 -12.04 23.46 -4.62
C PHE B 257 -12.87 23.76 -5.85
N GLU B 258 -12.23 23.78 -7.01
CA GLU B 258 -12.97 23.90 -8.26
C GLU B 258 -12.51 22.80 -9.16
N PHE B 259 -13.48 22.03 -9.64
CA PHE B 259 -13.26 21.04 -10.65
C PHE B 259 -14.11 21.42 -11.84
N THR B 260 -13.47 21.49 -13.01
CA THR B 260 -14.16 21.85 -14.25
C THR B 260 -13.89 20.86 -15.36
N SER B 261 -14.95 20.62 -16.14
CA SER B 261 -14.87 19.87 -17.38
C SER B 261 -15.45 20.78 -18.45
N GLU B 262 -15.56 20.28 -19.68
CA GLU B 262 -16.22 21.05 -20.75
C GLU B 262 -17.76 21.03 -20.64
N ASN B 263 -18.29 20.35 -19.63
CA ASN B 263 -19.74 20.23 -19.43
C ASN B 263 -20.25 20.81 -18.09
N GLY B 264 -19.35 20.94 -17.12
CA GLY B 264 -19.75 21.38 -15.80
C GLY B 264 -18.63 21.91 -14.93
N LYS B 265 -19.05 22.54 -13.83
CA LYS B 265 -18.16 23.12 -12.84
C LYS B 265 -18.66 22.68 -11.46
N TYR B 266 -17.78 22.01 -10.70
CA TYR B 266 -18.09 21.57 -9.34
C TYR B 266 -17.16 22.24 -8.35
N THR B 267 -17.74 22.78 -7.28
CA THR B 267 -16.99 23.44 -6.21
C THR B 267 -17.21 22.77 -4.84
N LEU B 268 -16.21 22.83 -3.97
CA LEU B 268 -16.35 22.35 -2.60
C LEU B 268 -15.82 23.35 -1.57
N GLU B 269 -16.77 24.01 -0.91
CA GLU B 269 -16.53 25.08 0.03
C GLU B 269 -16.14 24.49 1.39
N PRO B 270 -15.41 25.26 2.19
CA PRO B 270 -15.04 24.83 3.55
C PRO B 270 -16.15 24.14 4.37
N GLU B 271 -17.37 24.62 4.31
CA GLU B 271 -18.45 23.99 5.09
C GLU B 271 -18.52 22.47 4.85
N TYR B 272 -18.14 22.01 3.67
CA TYR B 272 -18.31 20.59 3.36
C TYR B 272 -17.14 19.71 3.77
N TYR B 273 -15.94 20.29 3.80
CA TYR B 273 -14.77 19.51 4.19
C TYR B 273 -14.23 19.77 5.59
N LEU B 274 -15.06 20.35 6.47
CA LEU B 274 -14.63 20.60 7.83
C LEU B 274 -15.24 19.59 8.79
N GLN B 275 -14.39 19.05 9.66
CA GLN B 275 -14.81 18.11 10.69
C GLN B 275 -14.80 18.87 12.04
N HIS B 276 -15.99 19.14 12.56
CA HIS B 276 -16.15 19.93 13.77
C HIS B 276 -15.82 19.15 14.98
N ILE B 277 -14.86 19.65 15.77
CA ILE B 277 -14.52 19.06 17.04
C ILE B 277 -15.35 19.66 18.17
N GLU B 278 -15.46 20.98 18.21
CA GLU B 278 -16.41 21.61 19.11
C GLU B 278 -16.83 22.94 18.53
N ASP B 279 -18.02 23.40 18.91
CA ASP B 279 -18.61 24.59 18.31
C ASP B 279 -18.68 25.78 19.25
N VAL B 280 -17.93 25.70 20.35
CA VAL B 280 -17.79 26.80 21.30
C VAL B 280 -16.99 27.94 20.67
N GLY B 281 -17.61 29.11 20.57
CA GLY B 281 -16.94 30.28 20.02
C GLY B 281 -16.72 30.13 18.53
N PRO B 282 -15.51 30.42 18.05
CA PRO B 282 -15.21 30.23 16.64
C PRO B 282 -15.22 28.72 16.31
N GLY B 283 -14.81 27.91 17.28
CA GLY B 283 -14.95 26.46 17.18
C GLY B 283 -13.63 25.89 16.73
N LEU B 284 -13.44 24.60 16.98
CA LEU B 284 -12.23 23.91 16.59
C LEU B 284 -12.57 22.84 15.57
N CYS B 285 -11.76 22.75 14.52
CA CYS B 285 -12.04 21.87 13.40
C CYS B 285 -10.82 21.12 12.89
N MET B 286 -11.06 19.96 12.28
CA MET B 286 -10.06 19.23 11.45
C MET B 286 -10.40 19.45 9.99
N LEU B 287 -9.37 19.65 9.16
CA LEU B 287 -9.54 19.58 7.70
C LEU B 287 -9.70 18.12 7.31
N ASN B 288 -10.74 17.85 6.56
CA ASN B 288 -11.03 16.52 6.15
C ASN B 288 -10.35 16.21 4.81
N ILE B 289 -9.02 16.40 4.77
CA ILE B 289 -8.25 16.36 3.53
C ILE B 289 -6.91 15.66 3.76
N ILE B 290 -6.63 14.63 2.95
CA ILE B 290 -5.40 13.84 3.04
C ILE B 290 -4.50 14.01 1.80
N GLY B 291 -3.21 14.17 2.02
CA GLY B 291 -2.24 14.15 0.94
C GLY B 291 -2.04 12.69 0.60
N LEU B 292 -2.17 12.36 -0.70
CA LEU B 292 -1.97 10.97 -1.14
C LEU B 292 -1.52 10.90 -2.61
N ASP B 293 -0.35 10.30 -2.84
CA ASP B 293 0.20 10.27 -4.18
C ASP B 293 -0.08 9.00 -4.95
N PHE B 294 -0.56 9.18 -6.18
CA PHE B 294 -0.82 8.07 -7.08
C PHE B 294 0.16 8.18 -8.23
N PRO B 295 0.38 7.11 -9.01
CA PRO B 295 1.33 7.17 -10.10
C PRO B 295 0.92 8.29 -11.03
N VAL B 296 -0.38 8.53 -11.11
CA VAL B 296 -0.95 9.66 -11.82
C VAL B 296 -1.62 10.58 -10.81
N PRO B 297 -1.49 11.90 -10.95
CA PRO B 297 -2.16 12.84 -10.07
C PRO B 297 -3.65 12.55 -9.97
N THR B 298 -4.11 12.22 -8.76
CA THR B 298 -5.47 11.79 -8.54
C THR B 298 -6.12 12.55 -7.40
N PHE B 299 -7.45 12.63 -7.43
CA PHE B 299 -8.20 13.16 -6.30
C PHE B 299 -9.18 12.07 -5.97
N ILE B 300 -9.33 11.75 -4.70
CA ILE B 300 -10.47 10.95 -4.32
C ILE B 300 -11.56 11.92 -3.86
N LEU B 301 -12.58 12.08 -4.69
CA LEU B 301 -13.74 12.83 -4.30
C LEU B 301 -14.62 11.90 -3.49
N GLY B 302 -14.41 11.83 -2.19
CA GLY B 302 -15.18 10.95 -1.31
C GLY B 302 -16.42 11.57 -0.65
N ASP B 303 -16.69 11.13 0.59
CA ASP B 303 -17.91 11.53 1.30
C ASP B 303 -18.19 13.05 1.31
N PRO B 304 -17.20 13.88 1.65
CA PRO B 304 -17.41 15.34 1.70
C PRO B 304 -17.94 15.90 0.39
N PHE B 305 -17.46 15.38 -0.73
CA PHE B 305 -17.91 15.83 -2.05
C PHE B 305 -19.29 15.26 -2.35
N MET B 306 -19.52 14.00 -1.96
CA MET B 306 -20.78 13.33 -2.22
C MET B 306 -21.92 13.86 -1.35
N ARG B 307 -21.60 14.42 -0.19
CA ARG B 307 -22.63 15.07 0.62
C ARG B 307 -23.18 16.30 -0.04
N LYS B 308 -22.36 17.05 -0.75
CA LYS B 308 -22.86 18.24 -1.44
C LYS B 308 -23.45 17.89 -2.79
N TYR B 309 -22.80 16.97 -3.52
CA TYR B 309 -23.30 16.59 -4.84
C TYR B 309 -23.91 15.20 -4.87
N PHE B 310 -25.14 15.15 -5.36
CA PHE B 310 -25.83 13.92 -5.71
C PHE B 310 -25.07 13.30 -6.88
N THR B 311 -24.87 11.98 -6.87
CA THR B 311 -24.11 11.33 -7.97
C THR B 311 -24.79 10.14 -8.61
N VAL B 312 -24.61 10.02 -9.91
CA VAL B 312 -25.18 8.95 -10.69
C VAL B 312 -24.04 8.08 -11.26
N PHE B 313 -24.11 6.79 -11.02
CA PHE B 313 -23.11 5.86 -11.54
C PHE B 313 -23.79 4.99 -12.58
N ASP B 314 -23.35 5.15 -13.82
CA ASP B 314 -24.05 4.59 -14.97
C ASP B 314 -23.17 3.57 -15.71
N TYR B 315 -23.51 2.30 -15.61
CA TYR B 315 -22.79 1.24 -16.33
C TYR B 315 -23.07 1.25 -17.83
N ASP B 316 -24.30 1.60 -18.23
CA ASP B 316 -24.68 1.58 -19.65
C ASP B 316 -23.97 2.66 -20.42
N ASN B 317 -23.92 3.86 -19.87
CA ASN B 317 -23.32 5.00 -20.56
C ASN B 317 -21.85 5.29 -20.22
N HIS B 318 -21.26 4.44 -19.35
CA HIS B 318 -19.84 4.52 -18.94
C HIS B 318 -19.47 5.90 -18.43
N SER B 319 -20.26 6.39 -17.49
CA SER B 319 -20.08 7.74 -17.04
C SER B 319 -20.58 7.94 -15.62
N VAL B 320 -20.30 9.11 -15.07
CA VAL B 320 -20.78 9.51 -13.76
C VAL B 320 -21.47 10.84 -13.93
N GLY B 321 -22.66 10.96 -13.36
CA GLY B 321 -23.45 12.18 -13.43
C GLY B 321 -23.39 12.88 -12.12
N ILE B 322 -23.20 14.20 -12.16
CA ILE B 322 -23.12 15.03 -10.95
C ILE B 322 -24.15 16.17 -10.95
N ALA B 323 -24.86 16.31 -9.84
CA ALA B 323 -25.80 17.40 -9.66
C ALA B 323 -25.85 17.79 -8.19
N LEU B 324 -26.16 19.04 -7.95
CA LEU B 324 -26.28 19.57 -6.61
C LEU B 324 -27.41 18.89 -5.82
N ALA B 325 -27.10 18.39 -4.63
CA ALA B 325 -28.09 17.65 -3.82
C ALA B 325 -29.11 18.59 -3.20
N LYS B 326 -30.35 18.16 -3.13
CA LYS B 326 -31.34 18.96 -2.45
C LYS B 326 -30.94 19.02 -0.99
N LYS B 327 -31.17 20.18 -0.38
CA LYS B 327 -30.79 20.39 1.01
C LYS B 327 -31.57 19.50 1.95
N ASN B 328 -32.81 19.18 1.60
CA ASN B 328 -33.56 18.13 2.34
C ASN B 328 -34.68 17.42 1.58
N LEU B 329 -35.38 16.56 2.31
CA LEU B 329 -36.43 15.71 1.76
C LEU B 329 -37.84 16.10 2.23
O22 A2T C . 7.16 -7.10 -1.71
C20 A2T C . 8.21 -7.40 -2.22
C23 A2T C . 8.18 -8.43 -3.32
C27 A2T C . 8.20 -9.78 -2.99
C31 A2T C . 8.19 -10.75 -4.00
C33 A2T C . 8.15 -10.36 -5.34
C35 A2T C . 8.13 -11.41 -6.42
C37 A2T C . 9.54 -11.88 -6.76
C39 A2T C . 9.41 -13.11 -7.63
C42 A2T C . 10.35 -13.05 -8.82
C43 A2T C . 10.93 -14.41 -9.10
C30 A2T C . 8.13 -9.02 -5.68
C26 A2T C . 8.14 -8.05 -4.67
N19 A2T C . 9.35 -6.85 -1.78
C21 A2T C . 9.20 -5.77 -0.78
C25 A2T C . 9.85 -4.48 -1.26
C29 A2T C . 9.48 -3.41 -0.25
N32 A2T C . 10.04 -3.83 1.03
C34 A2T C . 9.85 -2.67 1.90
C36 A2T C . 10.11 -3.09 3.33
C38 A2T C . 10.23 -1.85 4.21
C41 A2T C . 11.34 -2.05 5.25
C40 A2T C . 8.88 -1.50 4.83
C28 A2T C . 9.40 -5.05 1.57
C24 A2T C . 9.76 -6.17 0.59
C18 A2T C . 10.73 -7.21 -2.12
C17 A2T C . 11.33 -6.37 -3.23
C15 A2T C . 12.71 -6.15 -3.26
C13 A2T C . 13.28 -5.37 -4.27
C16 A2T C . 10.53 -5.78 -4.21
C14 A2T C . 11.09 -5.00 -5.21
C12 A2T C . 12.46 -4.80 -5.25
N44 A2T C . 13.02 -4.01 -6.27
C45 A2T C . 13.30 -4.83 -7.45
C4 A2T C . 13.64 -2.74 -6.27
C2 A2T C . 13.81 -2.02 -7.47
C8 A2T C . 14.10 -2.19 -5.08
C9 A2T C . 14.71 -0.93 -5.07
N6 A2T C . 14.88 -0.26 -6.24
C3 A2T C . 14.44 -0.78 -7.41
O22 A2T D . -9.84 -2.99 0.67
C20 A2T D . -10.93 -2.80 1.18
C23 A2T D . -11.45 -3.90 2.06
C27 A2T D . -12.13 -4.97 1.46
C31 A2T D . -12.62 -6.02 2.25
C33 A2T D . -12.42 -6.00 3.63
C35 A2T D . -12.92 -7.14 4.46
C37 A2T D . -14.40 -6.97 4.79
C39 A2T D . -14.92 -8.24 5.43
C42 A2T D . -16.12 -7.91 6.29
C43 A2T D . -16.70 -9.16 6.91
C30 A2T D . -11.72 -4.95 4.23
C26 A2T D . -11.22 -3.90 3.44
N19 A2T D . -11.60 -1.67 0.93
C21 A2T D . -10.87 -0.64 0.17
C25 A2T D . -10.91 0.68 0.93
C29 A2T D . -9.96 1.62 0.22
N32 A2T D . -10.56 1.89 -1.09
C34 A2T D . -9.71 2.92 -1.67
C36 A2T D . -10.23 3.18 -3.08
C38 A2T D . -9.52 4.36 -3.72
C41 A2T D . -10.40 5.00 -4.81
C40 A2T D . -8.16 3.93 -4.27
C28 A2T D . -10.62 0.67 -1.93
C24 A2T D . -11.43 -0.43 -1.24
C18 A2T D . -12.98 -1.36 1.28
C17 A2T D . -13.13 -0.59 2.56
C15 A2T D . -14.26 0.21 2.75
C13 A2T D . -14.41 0.93 3.95
C16 A2T D . -12.16 -0.67 3.56
C14 A2T D . -12.30 0.04 4.74
C12 A2T D . -13.43 0.83 4.94
N44 A2T D . -13.55 1.54 6.14
C45 A2T D . -14.26 0.70 7.11
C4 A2T D . -13.51 2.92 6.36
C2 A2T D . -13.31 3.45 7.64
C8 A2T D . -13.69 3.79 5.27
C9 A2T D . -13.64 5.18 5.50
N6 A2T D . -13.47 5.66 6.74
C3 A2T D . -13.30 4.83 7.80
#